data_6OAR
#
_entry.id   6OAR
#
_cell.length_a   41.796
_cell.length_b   158.758
_cell.length_c   171.040
_cell.angle_alpha   90.00
_cell.angle_beta   90.00
_cell.angle_gamma   90.00
#
_symmetry.space_group_name_H-M   'P 21 21 21'
#
loop_
_entity.id
_entity.type
_entity.pdbx_description
1 polymer 'RNA-dependent RNA polymerase'
2 polymer 'Interferon stimulated gene 17'
3 non-polymer prop-2-en-1-amine
4 water water
#
loop_
_entity_poly.entity_id
_entity_poly.type
_entity_poly.pdbx_seq_one_letter_code
_entity_poly.pdbx_strand_id
1 'polypeptide(L)'
;MDFLDSLIWERVVDDQYVTNPTFCISDYFEIVRQPGDGNCFYHSIAELFFDVKTPFSFRKVKEHLRLAADAFYDTEPEAI
GTGVTKEEYIQAAMKDNEWGGSLEASMLSKQLQITIILWVVNQTEQVTAAIKFGPGRVSTALNLMHVGRTHFDALRVINQ
LEDNQLQSRSGSHHHHHH
;
A,C,E,G
2 'polypeptide(L)' MATLNILVRNDKGRSSSYEVQLTQTVAVLKQQVCQRERVQADQFWLSFEGKPMDDEHPLGEYGLTTGCTVFMNLRLRG B,D,F,H
#
# COMPACT_ATOMS: atom_id res chain seq x y z
N ASP A 2 -9.89 -22.24 13.47
CA ASP A 2 -9.90 -21.03 12.65
C ASP A 2 -8.59 -20.26 12.77
N PHE A 3 -8.50 -19.15 12.04
CA PHE A 3 -7.23 -18.42 11.93
C PHE A 3 -6.83 -17.79 13.25
N LEU A 4 -7.75 -17.04 13.88
CA LEU A 4 -7.40 -16.30 15.09
C LEU A 4 -7.01 -17.23 16.23
N ASP A 5 -7.69 -18.37 16.36
CA ASP A 5 -7.38 -19.28 17.45
C ASP A 5 -6.23 -20.23 17.14
N SER A 6 -5.57 -20.07 15.99
CA SER A 6 -4.44 -20.89 15.62
C SER A 6 -3.12 -20.11 15.67
N LEU A 7 -3.15 -18.87 16.14
CA LEU A 7 -1.92 -18.09 16.23
C LEU A 7 -1.01 -18.65 17.31
N ILE A 8 0.30 -18.51 17.09
CA ILE A 8 1.30 -18.98 18.04
C ILE A 8 1.67 -17.83 18.96
N TRP A 9 1.46 -18.02 20.25
CA TRP A 9 1.72 -16.99 21.25
C TRP A 9 3.03 -17.26 21.97
N GLU A 10 3.89 -16.25 22.05
CA GLU A 10 5.14 -16.33 22.79
C GLU A 10 4.91 -15.81 24.21
N ARG A 11 5.21 -16.63 25.21
CA ARG A 11 5.03 -16.21 26.59
C ARG A 11 6.08 -15.17 26.96
N VAL A 12 5.64 -14.03 27.48
CA VAL A 12 6.52 -12.96 27.89
C VAL A 12 6.88 -13.15 29.36
N VAL A 13 5.89 -12.95 30.22
CA VAL A 13 6.01 -13.14 31.66
C VAL A 13 4.66 -13.61 32.18
N ASP A 14 4.68 -14.51 33.16
CA ASP A 14 3.45 -14.95 33.81
C ASP A 14 2.39 -15.38 32.80
N ASP A 15 1.31 -14.60 32.71
CA ASP A 15 0.23 -14.84 31.77
C ASP A 15 0.15 -13.74 30.72
N GLN A 16 1.29 -13.20 30.31
CA GLN A 16 1.36 -12.23 29.24
C GLN A 16 2.08 -12.85 28.05
N TYR A 17 1.45 -12.75 26.87
CA TYR A 17 1.94 -13.38 25.66
C TYR A 17 1.97 -12.35 24.53
N VAL A 18 2.81 -12.61 23.53
CA VAL A 18 2.92 -11.73 22.37
C VAL A 18 2.91 -12.59 21.11
N THR A 19 2.34 -12.03 20.04
CA THR A 19 2.38 -12.64 18.73
C THR A 19 2.44 -11.53 17.67
N ASN A 20 3.03 -11.84 16.53
CA ASN A 20 3.28 -10.84 15.49
C ASN A 20 2.83 -11.35 14.13
N PRO A 21 1.53 -11.58 13.95
CA PRO A 21 1.03 -11.93 12.63
C PRO A 21 0.92 -10.67 11.77
N THR A 22 0.60 -10.88 10.50
CA THR A 22 0.41 -9.79 9.56
C THR A 22 -0.88 -10.08 8.80
N PHE A 23 -1.95 -9.40 9.18
CA PHE A 23 -3.21 -9.51 8.48
C PHE A 23 -3.97 -8.21 8.71
N CYS A 24 -4.96 -7.96 7.85
CA CYS A 24 -5.77 -6.77 7.99
C CYS A 24 -6.83 -7.00 9.07
N ILE A 25 -6.89 -6.08 10.03
CA ILE A 25 -7.75 -6.28 11.19
C ILE A 25 -9.21 -6.45 10.77
N SER A 26 -9.62 -5.81 9.67
CA SER A 26 -11.01 -5.85 9.22
C SER A 26 -11.43 -7.20 8.64
N ASP A 27 -10.48 -8.05 8.26
CA ASP A 27 -10.85 -9.34 7.70
C ASP A 27 -11.30 -10.34 8.76
N TYR A 28 -11.07 -10.07 10.04
CA TYR A 28 -11.47 -10.99 11.09
C TYR A 28 -12.21 -10.32 12.25
N PHE A 29 -12.22 -9.00 12.33
CA PHE A 29 -12.88 -8.29 13.40
C PHE A 29 -13.79 -7.21 12.84
N GLU A 30 -14.85 -6.91 13.58
CA GLU A 30 -15.62 -5.70 13.38
C GLU A 30 -15.13 -4.64 14.36
N ILE A 31 -14.94 -3.42 13.88
CA ILE A 31 -14.45 -2.34 14.73
C ILE A 31 -15.64 -1.63 15.36
N VAL A 32 -15.61 -1.52 16.69
CA VAL A 32 -16.63 -0.79 17.44
C VAL A 32 -15.96 0.47 17.96
N ARG A 33 -16.21 1.59 17.29
CA ARG A 33 -15.43 2.79 17.50
C ARG A 33 -15.81 3.49 18.81
N GLN A 34 -14.82 4.11 19.41
CA GLN A 34 -14.92 4.72 20.73
C GLN A 34 -14.49 6.17 20.67
N PRO A 35 -14.96 7.01 21.58
CA PRO A 35 -14.63 8.43 21.51
C PRO A 35 -13.16 8.71 21.84
N GLY A 36 -12.66 9.80 21.27
CA GLY A 36 -11.31 10.25 21.55
C GLY A 36 -11.29 11.26 22.67
N ASP A 37 -11.77 10.88 23.85
CA ASP A 37 -11.88 11.77 24.99
C ASP A 37 -10.86 11.45 26.08
N GLY A 38 -9.85 10.63 25.78
CA GLY A 38 -8.88 10.21 26.77
C GLY A 38 -9.27 8.97 27.55
N ASN A 39 -10.52 8.52 27.44
CA ASN A 39 -11.01 7.35 28.16
C ASN A 39 -11.22 6.14 27.24
N CYS A 40 -10.75 6.22 25.99
CA CYS A 40 -11.08 5.22 24.98
C CYS A 40 -10.72 3.80 25.43
N PHE A 41 -9.62 3.64 26.17
CA PHE A 41 -9.29 2.30 26.66
C PHE A 41 -10.40 1.75 27.54
N TYR A 42 -10.87 2.55 28.49
CA TYR A 42 -11.92 2.09 29.38
C TYR A 42 -13.26 1.98 28.67
N HIS A 43 -13.56 2.92 27.75
CA HIS A 43 -14.71 2.76 26.86
C HIS A 43 -14.68 1.41 26.15
N SER A 44 -13.53 1.06 25.57
CA SER A 44 -13.44 -0.16 24.79
C SER A 44 -13.65 -1.40 25.66
N ILE A 45 -13.06 -1.41 26.86
CA ILE A 45 -13.30 -2.52 27.77
C ILE A 45 -14.78 -2.59 28.14
N ALA A 46 -15.38 -1.44 28.46
CA ALA A 46 -16.78 -1.40 28.86
C ALA A 46 -17.69 -1.89 27.74
N GLU A 47 -17.37 -1.53 26.49
CA GLU A 47 -18.17 -1.98 25.35
C GLU A 47 -18.28 -3.50 25.30
N LEU A 48 -17.18 -4.19 25.61
CA LEU A 48 -17.13 -5.64 25.50
C LEU A 48 -17.46 -6.36 26.80
N PHE A 49 -17.16 -5.76 27.95
CA PHE A 49 -17.34 -6.44 29.22
C PHE A 49 -18.78 -6.35 29.71
N PHE A 50 -19.41 -5.18 29.59
CA PHE A 50 -20.78 -5.02 30.06
C PHE A 50 -21.77 -5.28 28.94
N ASP A 51 -23.01 -5.58 29.33
CA ASP A 51 -24.05 -5.78 28.33
C ASP A 51 -24.64 -4.46 27.84
N VAL A 52 -24.71 -3.46 28.71
CA VAL A 52 -25.26 -2.14 28.37
C VAL A 52 -24.11 -1.15 28.24
N LYS A 53 -24.14 -0.36 27.17
CA LYS A 53 -23.11 0.64 26.90
C LYS A 53 -23.71 2.03 27.01
N THR A 54 -23.21 2.82 27.95
CA THR A 54 -23.55 4.23 28.05
C THR A 54 -22.27 5.06 27.94
N PRO A 55 -22.39 6.37 27.72
CA PRO A 55 -21.17 7.21 27.65
C PRO A 55 -20.41 7.30 28.97
N PHE A 56 -20.91 6.68 30.02
CA PHE A 56 -20.26 6.71 31.33
C PHE A 56 -19.95 5.32 31.86
N SER A 57 -20.17 4.27 31.05
CA SER A 57 -19.84 2.92 31.49
C SER A 57 -18.35 2.76 31.79
N PHE A 58 -17.50 3.56 31.14
CA PHE A 58 -16.05 3.45 31.38
C PHE A 58 -15.69 3.69 32.83
N ARG A 59 -16.52 4.44 33.57
CA ARG A 59 -16.21 4.68 34.97
C ARG A 59 -16.32 3.42 35.82
N LYS A 60 -17.21 2.49 35.45
CA LYS A 60 -17.29 1.23 36.18
C LYS A 60 -16.04 0.40 35.98
N VAL A 61 -15.41 0.49 34.79
CA VAL A 61 -14.15 -0.19 34.57
C VAL A 61 -13.06 0.41 35.44
N LYS A 62 -13.03 1.74 35.56
CA LYS A 62 -12.00 2.38 36.37
C LYS A 62 -12.20 2.11 37.86
N GLU A 63 -13.43 1.82 38.29
CA GLU A 63 -13.64 1.37 39.66
C GLU A 63 -12.98 0.01 39.89
N HIS A 64 -13.10 -0.91 38.92
CA HIS A 64 -12.40 -2.19 39.03
C HIS A 64 -10.89 -1.99 38.97
N LEU A 65 -10.42 -0.99 38.23
CA LEU A 65 -8.99 -0.74 38.14
C LEU A 65 -8.42 -0.34 39.50
N ARG A 66 -9.16 0.44 40.28
CA ARG A 66 -8.67 0.82 41.61
C ARG A 66 -8.53 -0.41 42.50
N LEU A 67 -9.45 -1.35 42.39
CA LEU A 67 -9.32 -2.60 43.15
C LEU A 67 -8.19 -3.45 42.59
N ALA A 68 -8.03 -3.47 41.26
CA ALA A 68 -6.97 -4.24 40.63
C ALA A 68 -5.59 -3.70 41.00
N ALA A 69 -5.43 -2.37 40.94
CA ALA A 69 -4.14 -1.78 41.22
C ALA A 69 -3.72 -2.05 42.66
N ASP A 70 -4.65 -1.96 43.60
CA ASP A 70 -4.31 -2.20 44.99
C ASP A 70 -3.86 -3.63 45.24
N ALA A 71 -4.30 -4.58 44.40
CA ALA A 71 -3.97 -5.98 44.62
C ALA A 71 -2.84 -6.49 43.74
N PHE A 72 -2.50 -5.78 42.65
CA PHE A 72 -1.53 -6.31 41.70
C PHE A 72 -0.44 -5.34 41.26
N TYR A 73 -0.57 -4.03 41.53
CA TYR A 73 0.37 -3.07 40.96
C TYR A 73 1.80 -3.37 41.38
N ASP A 74 2.02 -3.65 42.66
CA ASP A 74 3.38 -3.83 43.17
C ASP A 74 4.08 -5.03 42.56
N THR A 75 3.36 -5.93 41.88
CA THR A 75 3.98 -7.08 41.23
C THR A 75 3.87 -7.04 39.71
N GLU A 76 3.50 -5.87 39.15
CA GLU A 76 3.31 -5.76 37.70
C GLU A 76 4.66 -5.68 36.98
N PRO A 77 4.92 -6.53 35.99
CA PRO A 77 6.21 -6.47 35.30
C PRO A 77 6.42 -5.19 34.53
N GLU A 78 5.36 -4.55 34.04
CA GLU A 78 5.52 -3.29 33.34
C GLU A 78 5.85 -2.15 34.28
N ALA A 79 5.58 -2.29 35.58
CA ALA A 79 5.80 -1.23 36.55
C ALA A 79 7.11 -1.39 37.32
N ILE A 80 8.13 -1.99 36.72
CA ILE A 80 9.44 -2.10 37.34
C ILE A 80 10.36 -1.03 36.76
N GLY A 81 11.23 -0.49 37.61
CA GLY A 81 12.08 0.60 37.19
C GLY A 81 11.37 1.92 36.96
N THR A 82 10.13 2.06 37.43
CA THR A 82 9.38 3.29 37.26
C THR A 82 9.52 4.25 38.44
N GLY A 83 9.69 3.71 39.65
CA GLY A 83 9.80 4.56 40.81
C GLY A 83 8.51 5.21 41.26
N VAL A 84 7.36 4.76 40.75
CA VAL A 84 6.06 5.30 41.12
C VAL A 84 5.35 4.27 41.98
N THR A 85 4.96 4.68 43.19
CA THR A 85 4.32 3.75 44.12
C THR A 85 2.87 3.49 43.71
N LYS A 86 2.26 2.53 44.41
CA LYS A 86 0.89 2.14 44.11
C LYS A 86 -0.06 3.31 44.31
N GLU A 87 0.13 4.10 45.38
CA GLU A 87 -0.76 5.22 45.66
C GLU A 87 -0.61 6.33 44.63
N GLU A 88 0.62 6.61 44.20
CA GLU A 88 0.85 7.64 43.20
C GLU A 88 0.22 7.26 41.87
N TYR A 89 0.28 5.98 41.51
CA TYR A 89 -0.30 5.54 40.24
C TYR A 89 -1.82 5.60 40.27
N ILE A 90 -2.43 5.17 41.38
CA ILE A 90 -3.88 5.01 41.44
C ILE A 90 -4.56 6.35 41.23
N GLN A 91 -4.24 7.34 42.07
CA GLN A 91 -4.94 8.61 41.97
C GLN A 91 -4.60 9.36 40.70
N ALA A 92 -3.45 9.06 40.07
CA ALA A 92 -3.14 9.66 38.78
C ALA A 92 -3.87 8.94 37.65
N ALA A 93 -4.02 7.63 37.75
CA ALA A 93 -4.76 6.88 36.75
C ALA A 93 -6.27 7.09 36.86
N MET A 94 -6.75 7.56 38.02
CA MET A 94 -8.18 7.76 38.23
C MET A 94 -8.68 9.11 37.74
N LYS A 95 -7.79 10.04 37.42
CA LYS A 95 -8.22 11.32 36.88
C LYS A 95 -9.02 11.11 35.59
N ASP A 96 -9.99 11.99 35.36
CA ASP A 96 -10.76 11.88 34.13
C ASP A 96 -9.87 12.14 32.92
N ASN A 97 -10.18 11.45 31.81
CA ASN A 97 -9.46 11.58 30.56
C ASN A 97 -8.02 11.12 30.64
N GLU A 98 -7.67 10.31 31.63
CA GLU A 98 -6.31 9.80 31.78
C GLU A 98 -6.16 8.50 31.00
N TRP A 99 -5.18 8.47 30.10
CA TRP A 99 -5.02 7.34 29.20
C TRP A 99 -4.71 6.07 29.98
N GLY A 100 -5.14 4.94 29.42
CA GLY A 100 -4.77 3.64 29.93
C GLY A 100 -4.24 2.75 28.81
N GLY A 101 -3.88 1.53 29.18
CA GLY A 101 -3.34 0.62 28.20
C GLY A 101 -2.88 -0.72 28.76
N SER A 102 -1.66 -1.13 28.38
CA SER A 102 -1.20 -2.48 28.67
C SER A 102 -1.06 -2.73 30.16
N LEU A 103 -0.56 -1.74 30.91
CA LEU A 103 -0.46 -1.92 32.37
C LEU A 103 -1.83 -2.13 32.99
N GLU A 104 -2.81 -1.34 32.54
CA GLU A 104 -4.18 -1.49 33.06
C GLU A 104 -4.80 -2.80 32.60
N ALA A 105 -4.56 -3.18 31.34
CA ALA A 105 -5.05 -4.46 30.84
C ALA A 105 -4.50 -5.63 31.65
N SER A 106 -3.22 -5.58 32.01
CA SER A 106 -2.63 -6.68 32.79
C SER A 106 -3.32 -6.83 34.14
N MET A 107 -3.56 -5.73 34.84
CA MET A 107 -4.16 -5.82 36.16
C MET A 107 -5.65 -6.14 36.08
N LEU A 108 -6.36 -5.56 35.11
CA LEU A 108 -7.77 -5.85 34.96
C LEU A 108 -8.02 -7.30 34.55
N SER A 109 -7.15 -7.85 33.70
CA SER A 109 -7.21 -9.26 33.37
C SER A 109 -7.23 -10.13 34.62
N LYS A 110 -6.37 -9.80 35.59
CA LYS A 110 -6.29 -10.59 36.80
C LYS A 110 -7.43 -10.28 37.77
N GLN A 111 -7.88 -9.03 37.81
CA GLN A 111 -8.97 -8.67 38.72
C GLN A 111 -10.30 -9.25 38.26
N LEU A 112 -10.57 -9.17 36.96
CA LEU A 112 -11.85 -9.61 36.42
C LEU A 112 -11.84 -11.07 35.99
N GLN A 113 -10.67 -11.72 36.01
CA GLN A 113 -10.53 -13.11 35.56
C GLN A 113 -11.01 -13.24 34.11
N ILE A 114 -10.52 -12.35 33.26
CA ILE A 114 -10.82 -12.33 31.84
C ILE A 114 -9.51 -12.25 31.08
N THR A 115 -9.56 -12.60 29.79
CA THR A 115 -8.42 -12.42 28.91
C THR A 115 -8.65 -11.20 28.05
N ILE A 116 -7.64 -10.33 27.98
CA ILE A 116 -7.69 -9.09 27.21
C ILE A 116 -6.56 -9.13 26.20
N ILE A 117 -6.85 -8.76 24.95
CA ILE A 117 -5.84 -8.75 23.89
C ILE A 117 -5.82 -7.37 23.26
N LEU A 118 -4.62 -6.77 23.21
CA LEU A 118 -4.42 -5.48 22.56
C LEU A 118 -3.76 -5.74 21.20
N TRP A 119 -4.47 -5.39 20.12
CA TRP A 119 -3.98 -5.56 18.75
C TRP A 119 -3.38 -4.25 18.28
N VAL A 120 -2.08 -4.26 17.97
CA VAL A 120 -1.40 -3.06 17.51
C VAL A 120 -1.50 -3.00 15.99
N VAL A 121 -2.03 -1.88 15.50
CA VAL A 121 -2.39 -1.74 14.10
C VAL A 121 -1.71 -0.49 13.54
N ASN A 122 -1.17 -0.60 12.33
CA ASN A 122 -0.55 0.55 11.66
C ASN A 122 -1.62 1.34 10.92
N GLN A 123 -1.20 2.30 10.10
CA GLN A 123 -2.18 3.13 9.40
C GLN A 123 -2.86 2.38 8.25
N THR A 124 -2.26 1.31 7.76
CA THR A 124 -2.86 0.45 6.75
C THR A 124 -3.88 -0.52 7.34
N GLU A 125 -4.19 -0.39 8.63
CA GLU A 125 -5.03 -1.31 9.38
C GLU A 125 -4.46 -2.73 9.40
N GLN A 126 -3.16 -2.87 9.16
CA GLN A 126 -2.49 -4.17 9.27
C GLN A 126 -1.98 -4.38 10.69
N VAL A 127 -2.21 -5.57 11.21
CA VAL A 127 -1.68 -5.95 12.52
C VAL A 127 -0.17 -6.06 12.43
N THR A 128 0.53 -5.45 13.40
CA THR A 128 1.97 -5.63 13.54
C THR A 128 2.35 -6.40 14.81
N ALA A 129 1.49 -6.39 15.82
CA ALA A 129 1.73 -7.11 17.06
C ALA A 129 0.42 -7.23 17.81
N ALA A 130 0.35 -8.22 18.70
CA ALA A 130 -0.75 -8.34 19.63
C ALA A 130 -0.19 -8.80 20.97
N ILE A 131 -0.70 -8.22 22.05
CA ILE A 131 -0.31 -8.59 23.41
C ILE A 131 -1.55 -9.16 24.09
N LYS A 132 -1.44 -10.38 24.59
CA LYS A 132 -2.54 -11.07 25.25
C LYS A 132 -2.26 -11.12 26.75
N PHE A 133 -3.20 -10.64 27.54
CA PHE A 133 -3.12 -10.69 29.00
C PHE A 133 -4.14 -11.71 29.48
N GLY A 134 -3.66 -12.84 29.99
CA GLY A 134 -4.52 -13.90 30.43
C GLY A 134 -4.37 -15.14 29.59
N PRO A 135 -4.88 -16.27 30.08
CA PRO A 135 -4.66 -17.56 29.42
C PRO A 135 -5.65 -17.93 28.33
N GLY A 136 -6.71 -17.14 28.11
CA GLY A 136 -7.76 -17.54 27.21
C GLY A 136 -7.37 -17.43 25.74
N ARG A 137 -8.28 -17.91 24.90
CA ARG A 137 -8.09 -17.85 23.45
C ARG A 137 -8.69 -16.56 22.89
N VAL A 138 -8.39 -16.29 21.62
CA VAL A 138 -8.79 -15.04 21.01
C VAL A 138 -10.32 -14.92 20.93
N SER A 139 -10.98 -16.00 20.51
CA SER A 139 -12.43 -15.96 20.31
C SER A 139 -13.20 -15.66 21.60
N THR A 140 -12.64 -15.95 22.76
CA THR A 140 -13.31 -15.67 24.02
C THR A 140 -12.74 -14.46 24.74
N ALA A 141 -11.73 -13.81 24.19
CA ALA A 141 -11.09 -12.69 24.85
C ALA A 141 -11.79 -11.38 24.55
N LEU A 142 -11.44 -10.35 25.31
CA LEU A 142 -11.84 -8.98 25.02
C LEU A 142 -10.77 -8.38 24.11
N ASN A 143 -11.12 -8.13 22.86
CA ASN A 143 -10.15 -7.73 21.85
C ASN A 143 -10.25 -6.23 21.61
N LEU A 144 -9.13 -5.53 21.79
CA LEU A 144 -9.06 -4.10 21.56
C LEU A 144 -8.09 -3.82 20.42
N MET A 145 -8.34 -2.72 19.71
CA MET A 145 -7.48 -2.25 18.64
C MET A 145 -6.77 -0.97 19.08
N HIS A 146 -5.45 -0.98 18.98
CA HIS A 146 -4.62 0.18 19.34
C HIS A 146 -4.14 0.81 18.04
N VAL A 147 -4.67 1.99 17.71
CA VAL A 147 -4.37 2.66 16.46
C VAL A 147 -3.63 3.96 16.72
N GLY A 148 -2.67 4.27 15.84
CA GLY A 148 -1.89 5.49 15.92
C GLY A 148 -1.03 5.63 17.16
N ARG A 149 -0.86 4.55 17.91
CA ARG A 149 -0.21 4.55 19.22
C ARG A 149 -0.86 5.55 20.18
N THR A 150 -2.11 5.97 19.91
CA THR A 150 -2.76 6.96 20.74
C THR A 150 -4.23 6.67 21.05
N HIS A 151 -4.81 5.61 20.50
CA HIS A 151 -6.26 5.42 20.57
C HIS A 151 -6.57 3.94 20.68
N PHE A 152 -7.69 3.63 21.33
CA PHE A 152 -8.21 2.28 21.46
C PHE A 152 -9.66 2.25 20.97
N ASP A 153 -9.99 1.27 20.13
CA ASP A 153 -11.37 0.91 19.83
C ASP A 153 -11.60 -0.53 20.29
N ALA A 154 -12.85 -0.93 20.31
CA ALA A 154 -13.20 -2.31 20.63
C ALA A 154 -13.32 -3.13 19.34
N LEU A 155 -13.10 -4.43 19.47
CA LEU A 155 -13.21 -5.34 18.35
C LEU A 155 -14.14 -6.50 18.71
N ARG A 156 -14.95 -6.93 17.75
CA ARG A 156 -15.73 -8.14 17.90
C ARG A 156 -15.31 -9.11 16.80
N VAL A 157 -15.13 -10.38 17.17
CA VAL A 157 -14.72 -11.40 16.23
C VAL A 157 -15.88 -11.68 15.27
N ILE A 158 -15.63 -11.52 13.97
CA ILE A 158 -16.60 -11.88 12.95
C ILE A 158 -16.87 -13.39 13.05
N ASN A 159 -18.10 -13.74 13.40
CA ASN A 159 -18.54 -15.12 13.69
C ASN A 159 -17.48 -15.92 14.44
N ALA B 2 35.27 -9.35 27.80
CA ALA B 2 34.57 -10.45 27.13
C ALA B 2 33.17 -10.01 26.69
N THR B 3 33.07 -9.49 25.48
CA THR B 3 31.79 -9.05 24.96
C THR B 3 30.94 -10.26 24.56
N LEU B 4 29.63 -10.05 24.52
CA LEU B 4 28.66 -11.11 24.26
C LEU B 4 27.74 -10.66 23.14
N ASN B 5 27.27 -11.62 22.35
CA ASN B 5 26.33 -11.37 21.27
C ASN B 5 24.99 -11.99 21.64
N ILE B 6 23.98 -11.14 21.81
CA ILE B 6 22.64 -11.58 22.15
C ILE B 6 21.68 -11.06 21.09
N LEU B 7 20.52 -11.70 21.01
CA LEU B 7 19.44 -11.27 20.14
C LEU B 7 18.38 -10.54 20.95
N VAL B 8 17.83 -9.48 20.38
CA VAL B 8 16.67 -8.78 20.93
C VAL B 8 15.55 -8.87 19.92
N ARG B 9 14.41 -9.38 20.35
CA ARG B 9 13.22 -9.50 19.51
C ARG B 9 12.40 -8.24 19.67
N ASN B 10 12.21 -7.49 18.58
CA ASN B 10 11.63 -6.16 18.70
C ASN B 10 10.11 -6.24 18.72
N ASP B 11 9.45 -5.07 18.63
CA ASP B 11 8.00 -5.02 18.72
C ASP B 11 7.30 -5.53 17.47
N LYS B 12 8.02 -5.71 16.37
CA LYS B 12 7.48 -6.38 15.20
C LYS B 12 7.80 -7.87 15.21
N GLY B 13 8.47 -8.37 16.24
CA GLY B 13 8.88 -9.75 16.29
C GLY B 13 10.19 -10.04 15.60
N ARG B 14 10.87 -9.03 15.07
CA ARG B 14 12.14 -9.24 14.40
C ARG B 14 13.29 -9.24 15.39
N SER B 15 14.21 -10.19 15.22
CA SER B 15 15.35 -10.32 16.10
C SER B 15 16.62 -9.91 15.39
N SER B 16 17.45 -9.13 16.06
CA SER B 16 18.75 -8.72 15.56
C SER B 16 19.78 -8.79 16.68
N SER B 17 21.06 -8.80 16.31
CA SER B 17 22.13 -9.00 17.26
C SER B 17 22.53 -7.70 17.95
N TYR B 18 22.88 -7.82 19.23
CA TYR B 18 23.42 -6.73 20.02
C TYR B 18 24.67 -7.23 20.73
N GLU B 19 25.75 -6.44 20.67
CA GLU B 19 26.99 -6.76 21.36
C GLU B 19 26.94 -6.13 22.75
N VAL B 20 26.94 -6.95 23.79
CA VAL B 20 26.78 -6.49 25.16
C VAL B 20 27.88 -7.07 26.05
N GLN B 21 27.99 -6.49 27.24
CA GLN B 21 28.80 -7.03 28.31
C GLN B 21 27.89 -7.42 29.46
N LEU B 22 28.13 -8.61 30.03
CA LEU B 22 27.28 -9.07 31.12
C LEU B 22 27.31 -8.13 32.32
N THR B 23 28.34 -7.29 32.42
CA THR B 23 28.47 -6.34 33.52
C THR B 23 27.70 -5.05 33.28
N GLN B 24 27.23 -4.79 32.07
CA GLN B 24 26.47 -3.58 31.80
C GLN B 24 25.03 -3.74 32.30
N THR B 25 24.42 -2.61 32.65
CA THR B 25 23.05 -2.62 33.16
C THR B 25 22.05 -2.79 32.03
N VAL B 26 20.84 -3.21 32.43
CA VAL B 26 19.73 -3.29 31.49
C VAL B 26 19.45 -1.94 30.85
N ALA B 27 19.58 -0.86 31.63
CA ALA B 27 19.35 0.48 31.09
C ALA B 27 20.27 0.77 29.91
N VAL B 28 21.52 0.29 29.96
CA VAL B 28 22.43 0.47 28.84
C VAL B 28 21.97 -0.32 27.63
N LEU B 29 21.50 -1.55 27.83
CA LEU B 29 20.94 -2.31 26.72
C LEU B 29 19.72 -1.63 26.15
N LYS B 30 18.88 -1.05 27.02
CA LYS B 30 17.71 -0.32 26.52
C LYS B 30 18.12 0.89 25.69
N GLN B 31 19.25 1.53 26.04
CA GLN B 31 19.77 2.63 25.23
C GLN B 31 20.17 2.13 23.84
N GLN B 32 20.79 0.96 23.77
CA GLN B 32 21.15 0.40 22.47
C GLN B 32 19.91 0.06 21.65
N VAL B 33 18.85 -0.42 22.32
CA VAL B 33 17.63 -0.73 21.58
C VAL B 33 16.97 0.54 21.08
N CYS B 34 16.98 1.60 21.90
CA CYS B 34 16.46 2.90 21.46
C CYS B 34 17.17 3.39 20.21
N GLN B 35 18.49 3.20 20.13
CA GLN B 35 19.25 3.70 18.99
C GLN B 35 18.87 2.96 17.71
N ARG B 36 18.73 1.64 17.79
CA ARG B 36 18.44 0.88 16.58
C ARG B 36 16.97 0.95 16.19
N GLU B 37 16.07 0.88 17.16
CA GLU B 37 14.63 0.89 16.88
C GLU B 37 14.04 2.30 16.80
N ARG B 38 14.82 3.33 17.11
CA ARG B 38 14.36 4.71 17.10
C ARG B 38 13.13 4.87 17.99
N VAL B 39 13.29 4.48 19.26
CA VAL B 39 12.24 4.59 20.25
C VAL B 39 12.82 5.28 21.49
N GLN B 40 11.93 5.60 22.43
CA GLN B 40 12.32 6.16 23.71
C GLN B 40 12.32 5.07 24.76
N ALA B 41 13.17 5.23 25.77
CA ALA B 41 13.35 4.18 26.76
C ALA B 41 12.08 3.91 27.55
N ASP B 42 11.26 4.93 27.78
CA ASP B 42 10.06 4.74 28.58
C ASP B 42 8.94 4.04 27.83
N GLN B 43 9.12 3.73 26.54
CA GLN B 43 8.08 3.13 25.73
C GLN B 43 8.11 1.61 25.72
N PHE B 44 9.04 0.98 26.45
CA PHE B 44 9.15 -0.46 26.42
C PHE B 44 9.92 -0.94 27.64
N TRP B 45 9.77 -2.23 27.93
CA TRP B 45 10.56 -2.93 28.94
C TRP B 45 11.04 -4.24 28.33
N LEU B 46 12.10 -4.79 28.91
CA LEU B 46 12.75 -5.99 28.38
C LEU B 46 12.49 -7.18 29.31
N SER B 47 12.38 -8.37 28.73
CA SER B 47 12.19 -9.58 29.52
C SER B 47 13.09 -10.69 28.98
N PHE B 48 13.42 -11.64 29.86
CA PHE B 48 14.23 -12.78 29.46
C PHE B 48 13.80 -13.99 30.26
N GLU B 49 13.45 -15.07 29.57
CA GLU B 49 13.05 -16.34 30.19
C GLU B 49 11.94 -16.12 31.21
N GLY B 50 10.96 -15.28 30.85
CA GLY B 50 9.81 -15.07 31.71
C GLY B 50 10.03 -14.14 32.87
N LYS B 51 11.12 -13.38 32.89
CA LYS B 51 11.40 -12.47 33.99
C LYS B 51 11.61 -11.06 33.44
N PRO B 52 10.97 -10.04 34.02
CA PRO B 52 11.25 -8.67 33.59
C PRO B 52 12.63 -8.23 34.06
N MET B 53 13.32 -7.47 33.22
CA MET B 53 14.68 -7.04 33.48
C MET B 53 14.66 -5.62 34.06
N ASP B 54 15.27 -5.46 35.23
CA ASP B 54 15.26 -4.17 35.91
C ASP B 54 16.42 -3.29 35.42
N ASP B 55 16.10 -2.03 35.14
CA ASP B 55 17.03 -1.11 34.50
C ASP B 55 18.37 -1.04 35.22
N GLU B 56 18.36 -1.03 36.55
CA GLU B 56 19.59 -0.80 37.30
C GLU B 56 20.41 -2.06 37.52
N HIS B 57 19.95 -3.25 37.05
CA HIS B 57 20.68 -4.48 37.32
C HIS B 57 21.55 -4.88 36.13
N PRO B 58 22.72 -5.46 36.38
CA PRO B 58 23.56 -5.92 35.26
C PRO B 58 22.91 -7.09 34.53
N LEU B 59 23.19 -7.17 33.23
CA LEU B 59 22.60 -8.23 32.41
C LEU B 59 22.97 -9.62 32.93
N GLY B 60 24.16 -9.75 33.53
CA GLY B 60 24.58 -11.04 34.05
C GLY B 60 23.62 -11.64 35.05
N GLU B 61 22.88 -10.79 35.78
CA GLU B 61 21.97 -11.29 36.80
C GLU B 61 20.79 -12.06 36.22
N TYR B 62 20.56 -11.97 34.91
CA TYR B 62 19.49 -12.71 34.27
C TYR B 62 19.99 -13.94 33.53
N GLY B 63 21.30 -14.20 33.57
CA GLY B 63 21.86 -15.38 32.96
C GLY B 63 21.93 -15.34 31.44
N LEU B 64 22.08 -14.15 30.85
CA LEU B 64 22.21 -14.04 29.40
C LEU B 64 23.47 -14.76 28.93
N THR B 65 23.34 -15.48 27.82
CA THR B 65 24.47 -16.13 27.17
C THR B 65 24.45 -15.78 25.69
N THR B 66 25.52 -16.17 25.00
CA THR B 66 25.61 -15.93 23.57
C THR B 66 24.47 -16.64 22.86
N GLY B 67 23.77 -15.90 22.00
CA GLY B 67 22.69 -16.46 21.21
C GLY B 67 21.34 -16.49 21.90
N CYS B 68 21.23 -15.99 23.12
CA CYS B 68 19.93 -15.93 23.77
C CYS B 68 19.13 -14.74 23.25
N THR B 69 17.82 -14.77 23.47
CA THR B 69 16.90 -13.77 22.92
C THR B 69 16.22 -13.02 24.06
N VAL B 70 16.41 -11.71 24.10
CA VAL B 70 15.71 -10.82 25.02
C VAL B 70 14.50 -10.24 24.29
N PHE B 71 13.35 -10.22 24.97
CA PHE B 71 12.11 -9.73 24.38
C PHE B 71 11.91 -8.25 24.66
N MET B 72 11.53 -7.51 23.62
CA MET B 72 11.18 -6.10 23.75
C MET B 72 9.66 -6.00 23.85
N ASN B 73 9.17 -5.49 24.98
CA ASN B 73 7.74 -5.46 25.27
C ASN B 73 7.26 -4.02 25.35
N LEU B 74 6.24 -3.69 24.56
CA LEU B 74 5.78 -2.31 24.44
C LEU B 74 4.92 -1.91 25.62
N ARG B 75 5.12 -0.68 26.10
CA ARG B 75 4.19 -0.03 27.02
C ARG B 75 3.16 0.70 26.16
N LEU B 76 1.95 0.17 26.09
CA LEU B 76 0.89 0.78 25.30
C LEU B 76 0.05 1.70 26.17
N ARG B 77 -0.25 2.89 25.63
CA ARG B 77 -1.15 3.85 26.25
C ARG B 77 -1.93 4.54 25.16
N GLY B 78 -3.22 4.77 25.40
CA GLY B 78 -4.08 5.42 24.43
C GLY B 78 -5.25 6.10 25.10
N ASP C 2 -0.57 27.05 0.74
CA ASP C 2 -1.36 26.08 1.48
C ASP C 2 -2.00 25.06 0.55
N PHE C 3 -1.74 23.78 0.81
CA PHE C 3 -2.21 22.72 -0.06
C PHE C 3 -3.74 22.63 -0.06
N LEU C 4 -4.35 22.64 1.13
CA LEU C 4 -5.80 22.42 1.23
C LEU C 4 -6.58 23.51 0.51
N ASP C 5 -6.13 24.76 0.61
CA ASP C 5 -6.83 25.86 -0.05
C ASP C 5 -6.56 25.92 -1.54
N SER C 6 -5.60 25.14 -2.06
CA SER C 6 -5.28 25.13 -3.47
C SER C 6 -6.08 24.10 -4.25
N LEU C 7 -6.89 23.28 -3.57
CA LEU C 7 -7.69 22.27 -4.24
C LEU C 7 -8.72 22.92 -5.17
N ILE C 8 -8.98 22.26 -6.29
CA ILE C 8 -9.92 22.73 -7.30
C ILE C 8 -11.25 22.02 -7.08
N TRP C 9 -12.31 22.79 -6.84
CA TRP C 9 -13.63 22.26 -6.56
C TRP C 9 -14.52 22.36 -7.79
N GLU C 10 -15.27 21.30 -8.07
CA GLU C 10 -16.23 21.26 -9.16
C GLU C 10 -17.61 21.54 -8.61
N ARG C 11 -18.32 22.50 -9.20
CA ARG C 11 -19.67 22.78 -8.74
C ARG C 11 -20.62 21.68 -9.18
N VAL C 12 -21.37 21.12 -8.24
CA VAL C 12 -22.36 20.10 -8.54
C VAL C 12 -23.72 20.75 -8.75
N VAL C 13 -24.28 21.28 -7.67
CA VAL C 13 -25.53 22.01 -7.66
C VAL C 13 -25.39 23.14 -6.66
N ASP C 14 -25.71 24.36 -7.08
CA ASP C 14 -25.71 25.53 -6.21
C ASP C 14 -24.40 25.68 -5.44
N ASP C 15 -24.47 25.59 -4.10
CA ASP C 15 -23.29 25.71 -3.25
C ASP C 15 -22.78 24.35 -2.78
N GLN C 16 -22.95 23.32 -3.58
CA GLN C 16 -22.38 22.01 -3.33
C GLN C 16 -21.27 21.75 -4.33
N TYR C 17 -20.09 21.39 -3.85
CA TYR C 17 -18.90 21.20 -4.67
C TYR C 17 -18.27 19.86 -4.35
N VAL C 18 -17.51 19.34 -5.32
CA VAL C 18 -16.79 18.08 -5.14
C VAL C 18 -15.37 18.25 -5.66
N THR C 19 -14.44 17.52 -5.03
CA THR C 19 -13.07 17.44 -5.51
C THR C 19 -12.54 16.06 -5.19
N ASN C 20 -11.58 15.58 -5.98
CA ASN C 20 -11.10 14.20 -5.88
C ASN C 20 -9.58 14.17 -5.82
N PRO C 21 -8.98 14.70 -4.75
CA PRO C 21 -7.54 14.52 -4.55
C PRO C 21 -7.25 13.13 -4.03
N THR C 22 -5.96 12.84 -3.86
CA THR C 22 -5.48 11.54 -3.39
C THR C 22 -4.31 11.80 -2.45
N PHE C 23 -4.60 12.17 -1.21
CA PHE C 23 -3.58 12.38 -0.20
C PHE C 23 -3.98 11.64 1.07
N CYS C 24 -3.00 11.44 1.95
CA CYS C 24 -3.28 10.81 3.23
C CYS C 24 -3.85 11.84 4.19
N ILE C 25 -4.99 11.51 4.80
CA ILE C 25 -5.75 12.51 5.56
C ILE C 25 -4.95 13.03 6.74
N SER C 26 -4.17 12.17 7.41
CA SER C 26 -3.43 12.59 8.59
C SER C 26 -2.22 13.43 8.27
N ASP C 27 -1.83 13.58 7.00
CA ASP C 27 -0.77 14.50 6.64
C ASP C 27 -1.21 15.96 6.70
N TYR C 28 -2.52 16.23 6.75
CA TYR C 28 -3.00 17.61 6.78
C TYR C 28 -4.04 17.88 7.85
N PHE C 29 -4.59 16.84 8.49
CA PHE C 29 -5.62 17.00 9.52
C PHE C 29 -5.25 16.20 10.75
N GLU C 30 -5.68 16.69 11.91
CA GLU C 30 -5.71 15.90 13.14
C GLU C 30 -7.09 15.28 13.26
N ILE C 31 -7.14 13.98 13.53
CA ILE C 31 -8.40 13.26 13.65
C ILE C 31 -8.87 13.32 15.09
N VAL C 32 -10.10 13.78 15.31
CA VAL C 32 -10.71 13.83 16.63
C VAL C 32 -11.82 12.78 16.62
N ARG C 33 -11.55 11.63 17.20
CA ARG C 33 -12.44 10.48 17.01
C ARG C 33 -13.72 10.62 17.82
N GLN C 34 -14.80 10.05 17.28
CA GLN C 34 -16.14 10.19 17.81
C GLN C 34 -16.76 8.82 18.07
N PRO C 35 -17.73 8.73 18.98
CA PRO C 35 -18.28 7.41 19.34
C PRO C 35 -19.06 6.78 18.21
N GLY C 36 -19.08 5.44 18.20
CA GLY C 36 -19.83 4.68 17.23
C GLY C 36 -21.22 4.34 17.73
N ASP C 37 -22.00 5.37 18.07
CA ASP C 37 -23.32 5.20 18.65
C ASP C 37 -24.45 5.60 17.69
N GLY C 38 -24.13 5.78 16.41
CA GLY C 38 -25.13 6.23 15.46
C GLY C 38 -25.34 7.73 15.41
N ASN C 39 -24.73 8.48 16.31
CA ASN C 39 -24.84 9.94 16.34
C ASN C 39 -23.57 10.62 15.86
N CYS C 40 -22.61 9.86 15.34
CA CYS C 40 -21.26 10.36 15.10
C CYS C 40 -21.23 11.56 14.18
N PHE C 41 -22.14 11.65 13.20
CA PHE C 41 -22.19 12.85 12.38
C PHE C 41 -22.42 14.07 13.23
N TYR C 42 -23.38 14.00 14.15
CA TYR C 42 -23.71 15.16 14.97
C TYR C 42 -22.69 15.37 16.08
N HIS C 43 -22.09 14.30 16.60
CA HIS C 43 -20.96 14.46 17.50
C HIS C 43 -19.83 15.22 16.83
N SER C 44 -19.55 14.89 15.57
CA SER C 44 -18.43 15.52 14.86
C SER C 44 -18.67 17.00 14.62
N ILE C 45 -19.89 17.36 14.21
CA ILE C 45 -20.23 18.77 14.06
C ILE C 45 -20.11 19.49 15.40
N ALA C 46 -20.62 18.87 16.47
CA ALA C 46 -20.60 19.51 17.77
C ALA C 46 -19.17 19.76 18.25
N GLU C 47 -18.27 18.81 17.99
CA GLU C 47 -16.87 18.96 18.38
C GLU C 47 -16.26 20.22 17.80
N LEU C 48 -16.56 20.51 16.53
CA LEU C 48 -15.99 21.67 15.86
C LEU C 48 -16.81 22.94 16.03
N PHE C 49 -18.12 22.80 16.22
CA PHE C 49 -18.98 23.99 16.25
C PHE C 49 -19.01 24.63 17.63
N PHE C 50 -19.07 23.83 18.69
CA PHE C 50 -19.12 24.34 20.05
C PHE C 50 -17.72 24.42 20.66
N ASP C 51 -17.56 25.36 21.59
CA ASP C 51 -16.28 25.51 22.27
C ASP C 51 -15.98 24.32 23.17
N VAL C 52 -16.99 23.83 23.90
CA VAL C 52 -16.85 22.65 24.73
C VAL C 52 -17.95 21.66 24.35
N LYS C 53 -17.57 20.43 24.05
CA LYS C 53 -18.49 19.38 23.63
C LYS C 53 -18.59 18.31 24.70
N THR C 54 -19.81 18.03 25.15
CA THR C 54 -20.11 16.91 26.03
C THR C 54 -20.64 15.74 25.20
N PRO C 55 -20.80 14.57 25.82
CA PRO C 55 -21.43 13.44 25.09
C PRO C 55 -22.87 13.73 24.65
N PHE C 56 -23.46 14.83 25.10
CA PHE C 56 -24.84 15.15 24.72
C PHE C 56 -24.96 16.42 23.89
N SER C 57 -23.85 17.08 23.56
CA SER C 57 -23.93 18.30 22.77
C SER C 57 -24.48 18.06 21.38
N PHE C 58 -24.44 16.81 20.89
CA PHE C 58 -24.93 16.53 19.54
C PHE C 58 -26.41 16.84 19.37
N ARG C 59 -27.17 16.87 20.46
CA ARG C 59 -28.59 17.16 20.34
C ARG C 59 -28.85 18.62 19.99
N LYS C 60 -27.93 19.52 20.35
CA LYS C 60 -28.07 20.91 19.92
C LYS C 60 -27.92 21.03 18.41
N VAL C 61 -27.06 20.20 17.80
CA VAL C 61 -26.91 20.20 16.36
C VAL C 61 -28.18 19.67 15.69
N LYS C 62 -28.78 18.62 16.27
CA LYS C 62 -29.98 18.06 15.66
C LYS C 62 -31.16 19.02 15.76
N GLU C 63 -31.21 19.86 16.79
CA GLU C 63 -32.26 20.87 16.83
C GLU C 63 -32.02 21.95 15.79
N HIS C 64 -30.76 22.30 15.53
CA HIS C 64 -30.46 23.13 14.37
C HIS C 64 -30.86 22.43 13.07
N LEU C 65 -30.71 21.10 13.02
CA LEU C 65 -31.12 20.38 11.82
C LEU C 65 -32.62 20.48 11.59
N ARG C 66 -33.40 20.50 12.67
CA ARG C 66 -34.85 20.66 12.55
C ARG C 66 -35.20 21.96 11.84
N LEU C 67 -34.66 23.08 12.33
CA LEU C 67 -34.93 24.37 11.72
C LEU C 67 -34.41 24.41 10.28
N ALA C 68 -33.27 23.75 10.03
CA ALA C 68 -32.74 23.69 8.67
C ALA C 68 -33.69 22.95 7.74
N ALA C 69 -34.14 21.77 8.16
CA ALA C 69 -35.02 20.96 7.30
C ALA C 69 -36.33 21.69 7.01
N ASP C 70 -36.91 22.31 8.04
CA ASP C 70 -38.14 23.07 7.82
C ASP C 70 -37.95 24.16 6.77
N ALA C 71 -36.75 24.73 6.70
CA ALA C 71 -36.50 25.85 5.80
C ALA C 71 -35.99 25.43 4.44
N PHE C 72 -35.28 24.29 4.33
CA PHE C 72 -34.56 23.98 3.10
C PHE C 72 -34.84 22.60 2.50
N TYR C 73 -35.52 21.70 3.22
CA TYR C 73 -35.62 20.31 2.76
C TYR C 73 -36.29 20.21 1.39
N ASP C 74 -37.34 21.00 1.17
CA ASP C 74 -38.09 20.92 -0.08
C ASP C 74 -37.27 21.35 -1.28
N THR C 75 -36.11 21.99 -1.06
CA THR C 75 -35.24 22.46 -2.13
C THR C 75 -33.97 21.63 -2.24
N GLU C 76 -33.80 20.62 -1.39
CA GLU C 76 -32.53 19.91 -1.33
C GLU C 76 -32.37 18.97 -2.53
N PRO C 77 -31.27 19.07 -3.28
CA PRO C 77 -31.11 18.20 -4.46
C PRO C 77 -31.04 16.73 -4.11
N GLU C 78 -30.41 16.38 -2.97
CA GLU C 78 -30.26 14.98 -2.62
C GLU C 78 -31.60 14.34 -2.26
N ALA C 79 -32.55 15.13 -1.75
CA ALA C 79 -33.87 14.65 -1.39
C ALA C 79 -34.77 14.37 -2.60
N ILE C 80 -34.32 14.70 -3.82
CA ILE C 80 -35.13 14.44 -5.01
C ILE C 80 -35.06 12.95 -5.32
N GLY C 81 -36.22 12.36 -5.63
CA GLY C 81 -36.30 10.95 -5.97
C GLY C 81 -36.47 10.01 -4.81
N THR C 82 -36.62 10.52 -3.58
CA THR C 82 -36.79 9.67 -2.41
C THR C 82 -38.24 9.47 -2.02
N GLY C 83 -39.12 10.42 -2.36
CA GLY C 83 -40.52 10.31 -1.98
C GLY C 83 -40.79 10.50 -0.51
N VAL C 84 -39.84 11.04 0.25
CA VAL C 84 -40.02 11.29 1.67
C VAL C 84 -40.38 12.76 1.85
N THR C 85 -41.55 13.00 2.45
CA THR C 85 -41.97 14.37 2.70
C THR C 85 -41.15 14.99 3.82
N LYS C 86 -41.18 16.32 3.88
CA LYS C 86 -40.43 17.02 4.92
C LYS C 86 -40.80 16.52 6.31
N GLU C 87 -42.10 16.27 6.55
CA GLU C 87 -42.55 15.80 7.86
C GLU C 87 -42.00 14.41 8.17
N GLU C 88 -42.09 13.49 7.21
CA GLU C 88 -41.56 12.16 7.43
C GLU C 88 -40.05 12.19 7.65
N TYR C 89 -39.35 13.06 6.94
CA TYR C 89 -37.90 13.12 7.09
C TYR C 89 -37.52 13.62 8.48
N ILE C 90 -38.15 14.72 8.92
CA ILE C 90 -37.81 15.29 10.22
C ILE C 90 -38.07 14.28 11.33
N GLN C 91 -39.23 13.62 11.30
CA GLN C 91 -39.54 12.59 12.29
C GLN C 91 -38.45 11.53 12.34
N ALA C 92 -38.00 11.05 11.18
CA ALA C 92 -36.99 9.99 11.15
C ALA C 92 -35.62 10.53 11.57
N ALA C 93 -35.28 11.75 11.13
CA ALA C 93 -33.95 12.28 11.42
C ALA C 93 -33.76 12.55 12.91
N MET C 94 -34.85 12.83 13.63
CA MET C 94 -34.75 13.18 15.04
C MET C 94 -34.67 11.97 15.96
N LYS C 95 -34.84 10.76 15.44
CA LYS C 95 -34.71 9.58 16.29
C LYS C 95 -33.26 9.44 16.76
N ASP C 96 -33.11 8.91 17.96
CA ASP C 96 -31.77 8.68 18.49
C ASP C 96 -31.04 7.64 17.63
N ASN C 97 -29.72 7.80 17.56
CA ASN C 97 -28.83 6.87 16.86
C ASN C 97 -29.13 6.79 15.37
N GLU C 98 -29.79 7.80 14.82
CA GLU C 98 -30.13 7.85 13.40
C GLU C 98 -28.98 8.49 12.65
N TRP C 99 -28.51 7.82 11.58
CA TRP C 99 -27.34 8.31 10.87
C TRP C 99 -27.65 9.60 10.12
N GLY C 100 -26.68 10.51 10.11
CA GLY C 100 -26.72 11.69 9.28
C GLY C 100 -25.57 11.69 8.30
N GLY C 101 -25.57 12.71 7.44
CA GLY C 101 -24.51 12.84 6.45
C GLY C 101 -24.69 14.02 5.51
N SER C 102 -24.58 13.75 4.21
CA SER C 102 -24.48 14.83 3.23
C SER C 102 -25.76 15.65 3.13
N LEU C 103 -26.92 14.99 3.16
CA LEU C 103 -28.17 15.74 3.14
C LEU C 103 -28.25 16.69 4.33
N GLU C 104 -27.90 16.18 5.52
CA GLU C 104 -27.94 17.01 6.72
C GLU C 104 -26.90 18.12 6.66
N ALA C 105 -25.70 17.82 6.13
CA ALA C 105 -24.67 18.85 6.02
C ALA C 105 -25.10 19.98 5.09
N SER C 106 -25.73 19.64 3.96
CA SER C 106 -26.18 20.67 3.03
C SER C 106 -27.19 21.60 3.69
N MET C 107 -28.09 21.06 4.50
CA MET C 107 -29.08 21.92 5.15
C MET C 107 -28.47 22.69 6.32
N LEU C 108 -27.59 22.04 7.09
CA LEU C 108 -26.97 22.73 8.23
C LEU C 108 -26.07 23.86 7.77
N SER C 109 -25.37 23.68 6.64
CA SER C 109 -24.49 24.74 6.17
C SER C 109 -25.29 25.99 5.82
N LYS C 110 -26.48 25.82 5.26
CA LYS C 110 -27.32 26.98 4.94
C LYS C 110 -27.96 27.56 6.20
N GLN C 111 -28.38 26.71 7.13
CA GLN C 111 -29.01 27.22 8.35
C GLN C 111 -28.02 27.97 9.23
N LEU C 112 -26.83 27.43 9.40
CA LEU C 112 -25.82 28.02 10.28
C LEU C 112 -24.92 29.00 9.56
N GLN C 113 -25.01 29.11 8.23
CA GLN C 113 -24.18 30.00 7.44
C GLN C 113 -22.70 29.65 7.61
N ILE C 114 -22.41 28.35 7.51
CA ILE C 114 -21.07 27.82 7.65
C ILE C 114 -20.81 26.87 6.49
N THR C 115 -19.54 26.64 6.21
CA THR C 115 -19.13 25.67 5.20
C THR C 115 -18.77 24.36 5.89
N ILE C 116 -19.25 23.25 5.34
CA ILE C 116 -19.00 21.92 5.87
C ILE C 116 -18.42 21.07 4.75
N ILE C 117 -17.37 20.29 5.07
CA ILE C 117 -16.72 19.43 4.10
C ILE C 117 -16.69 18.01 4.64
N LEU C 118 -17.19 17.07 3.84
CA LEU C 118 -17.15 15.65 4.18
C LEU C 118 -16.05 15.01 3.35
N TRP C 119 -15.00 14.54 4.01
CA TRP C 119 -13.87 13.90 3.35
C TRP C 119 -14.09 12.39 3.34
N VAL C 120 -14.19 11.82 2.14
CA VAL C 120 -14.40 10.38 1.98
C VAL C 120 -13.05 9.70 1.94
N VAL C 121 -12.82 8.79 2.89
CA VAL C 121 -11.51 8.21 3.11
C VAL C 121 -11.64 6.69 3.01
N ASN C 122 -10.72 6.06 2.27
CA ASN C 122 -10.75 4.61 2.14
C ASN C 122 -10.16 3.95 3.40
N GLN C 123 -9.81 2.67 3.30
CA GLN C 123 -9.33 1.93 4.47
C GLN C 123 -7.91 2.36 4.85
N THR C 124 -7.07 2.67 3.88
CA THR C 124 -5.70 3.09 4.13
C THR C 124 -5.59 4.59 4.39
N GLU C 125 -6.68 5.23 4.82
CA GLU C 125 -6.75 6.64 5.19
C GLU C 125 -6.56 7.59 4.00
N GLN C 126 -6.56 7.08 2.77
CA GLN C 126 -6.39 7.94 1.60
CA GLN C 126 -6.39 7.92 1.60
C GLN C 126 -7.72 8.58 1.22
N VAL C 127 -7.67 9.89 0.98
CA VAL C 127 -8.85 10.62 0.52
C VAL C 127 -9.18 10.18 -0.90
N THR C 128 -10.45 9.85 -1.14
CA THR C 128 -10.90 9.55 -2.49
C THR C 128 -11.83 10.60 -3.07
N ALA C 129 -12.54 11.34 -2.22
CA ALA C 129 -13.38 12.44 -2.65
C ALA C 129 -13.60 13.36 -1.46
N ALA C 130 -14.08 14.57 -1.74
CA ALA C 130 -14.51 15.47 -0.69
C ALA C 130 -15.72 16.22 -1.22
N ILE C 131 -16.73 16.39 -0.37
CA ILE C 131 -17.94 17.12 -0.73
C ILE C 131 -17.99 18.35 0.14
N LYS C 132 -18.04 19.53 -0.49
CA LYS C 132 -18.09 20.80 0.21
C LYS C 132 -19.48 21.39 0.12
N PHE C 133 -20.03 21.80 1.25
CA PHE C 133 -21.33 22.46 1.33
C PHE C 133 -21.11 23.87 1.83
N GLY C 134 -21.28 24.85 0.93
CA GLY C 134 -21.02 26.23 1.25
C GLY C 134 -19.81 26.76 0.50
N PRO C 135 -19.67 28.09 0.48
CA PRO C 135 -18.63 28.72 -0.36
C PRO C 135 -17.27 28.85 0.28
N GLY C 136 -17.12 28.56 1.57
CA GLY C 136 -15.86 28.81 2.25
C GLY C 136 -14.76 27.87 1.80
N ARG C 137 -13.55 28.18 2.25
CA ARG C 137 -12.39 27.37 1.96
C ARG C 137 -12.19 26.32 3.07
N VAL C 138 -11.23 25.43 2.86
CA VAL C 138 -11.05 24.29 3.75
C VAL C 138 -10.68 24.74 5.15
N SER C 139 -9.77 25.72 5.27
CA SER C 139 -9.26 26.13 6.57
C SER C 139 -10.33 26.81 7.43
N THR C 140 -11.42 27.27 6.83
CA THR C 140 -12.49 27.91 7.57
C THR C 140 -13.71 27.01 7.75
N ALA C 141 -13.71 25.83 7.15
CA ALA C 141 -14.87 24.94 7.17
C ALA C 141 -14.81 24.00 8.38
N LEU C 142 -15.96 23.37 8.65
CA LEU C 142 -16.02 22.24 9.56
C LEU C 142 -15.73 20.99 8.76
N ASN C 143 -14.57 20.39 9.00
CA ASN C 143 -14.10 19.26 8.22
C ASN C 143 -14.40 17.96 8.97
N LEU C 144 -15.11 17.05 8.31
CA LEU C 144 -15.42 15.74 8.86
C LEU C 144 -14.83 14.67 7.96
N MET C 145 -14.49 13.54 8.57
CA MET C 145 -13.95 12.38 7.85
C MET C 145 -14.98 11.27 7.85
N HIS C 146 -15.27 10.73 6.67
CA HIS C 146 -16.21 9.62 6.50
C HIS C 146 -15.40 8.38 6.20
N VAL C 147 -15.44 7.40 7.11
CA VAL C 147 -14.61 6.19 7.02
C VAL C 147 -15.50 4.96 7.00
N GLY C 148 -15.10 3.98 6.20
CA GLY C 148 -15.81 2.72 6.09
C GLY C 148 -17.24 2.86 5.58
N ARG C 149 -17.56 4.03 5.01
CA ARG C 149 -18.90 4.38 4.57
C ARG C 149 -19.94 4.24 5.69
N THR C 150 -19.51 4.23 6.96
CA THR C 150 -20.43 4.02 8.06
C THR C 150 -20.21 4.93 9.26
N HIS C 151 -19.20 5.79 9.25
CA HIS C 151 -18.77 6.48 10.45
C HIS C 151 -18.24 7.86 10.12
N PHE C 152 -18.37 8.79 11.07
CA PHE C 152 -17.84 10.14 10.93
C PHE C 152 -16.99 10.47 12.13
N ASP C 153 -15.79 11.00 11.87
CA ASP C 153 -14.97 11.65 12.88
C ASP C 153 -14.79 13.11 12.51
N ALA C 154 -14.39 13.91 13.48
CA ALA C 154 -14.10 15.31 13.23
C ALA C 154 -12.64 15.47 12.84
N LEU C 155 -12.36 16.53 12.09
CA LEU C 155 -11.00 16.84 11.63
C LEU C 155 -10.66 18.28 12.02
N ARG C 156 -9.41 18.49 12.42
CA ARG C 156 -8.86 19.82 12.62
C ARG C 156 -7.67 20.02 11.70
N VAL C 157 -7.60 21.21 11.09
CA VAL C 157 -6.53 21.49 10.14
C VAL C 157 -5.22 21.67 10.89
N ILE C 158 -4.17 21.01 10.40
CA ILE C 158 -2.84 21.18 10.95
C ILE C 158 -2.21 22.46 10.41
N ALA D 2 -32.66 6.41 -30.61
CA ALA D 2 -32.48 7.27 -29.45
C ALA D 2 -31.38 6.73 -28.54
N THR D 3 -30.29 6.26 -29.14
CA THR D 3 -29.12 5.77 -28.41
C THR D 3 -28.03 6.82 -28.39
N LEU D 4 -27.36 6.96 -27.25
CA LEU D 4 -26.46 8.06 -27.00
C LEU D 4 -25.28 7.61 -26.15
N ASN D 5 -24.10 8.15 -26.44
CA ASN D 5 -22.90 7.87 -25.66
C ASN D 5 -22.58 9.09 -24.81
N ILE D 6 -22.71 8.95 -23.50
CA ILE D 6 -22.41 10.02 -22.56
C ILE D 6 -21.25 9.58 -21.66
N LEU D 7 -20.77 10.51 -20.85
CA LEU D 7 -19.78 10.24 -19.82
C LEU D 7 -20.43 10.38 -18.45
N VAL D 8 -20.07 9.49 -17.54
CA VAL D 8 -20.43 9.60 -16.14
C VAL D 8 -19.15 9.81 -15.36
N ARG D 9 -19.13 10.84 -14.51
CA ARG D 9 -17.99 11.13 -13.64
C ARG D 9 -18.29 10.49 -12.29
N ASN D 10 -17.53 9.46 -11.92
CA ASN D 10 -17.88 8.67 -10.76
C ASN D 10 -17.38 9.34 -9.48
N ASP D 11 -17.47 8.61 -8.37
CA ASP D 11 -17.15 9.14 -7.06
C ASP D 11 -15.64 9.28 -6.83
N LYS D 12 -14.82 8.68 -7.70
CA LYS D 12 -13.38 8.90 -7.74
C LYS D 12 -13.00 10.06 -8.66
N GLY D 13 -13.97 10.67 -9.32
CA GLY D 13 -13.70 11.72 -10.28
C GLY D 13 -13.35 11.24 -11.67
N ARG D 14 -13.43 9.93 -11.94
CA ARG D 14 -13.08 9.38 -13.24
C ARG D 14 -14.30 9.32 -14.13
N SER D 15 -14.14 9.75 -15.39
CA SER D 15 -15.23 9.73 -16.36
C SER D 15 -15.01 8.61 -17.36
N SER D 16 -16.08 7.84 -17.63
CA SER D 16 -16.04 6.76 -18.59
C SER D 16 -17.36 6.72 -19.35
N SER D 17 -17.35 6.04 -20.49
CA SER D 17 -18.49 6.07 -21.40
C SER D 17 -19.62 5.16 -20.94
N TYR D 18 -20.85 5.63 -21.15
CA TYR D 18 -22.07 4.86 -20.90
C TYR D 18 -22.96 4.98 -22.12
N GLU D 19 -23.42 3.84 -22.65
CA GLU D 19 -24.37 3.84 -23.74
C GLU D 19 -25.78 3.90 -23.17
N VAL D 20 -26.56 4.88 -23.64
CA VAL D 20 -27.78 5.26 -22.95
C VAL D 20 -28.89 5.51 -23.96
N GLN D 21 -30.13 5.30 -23.53
CA GLN D 21 -31.30 5.56 -24.35
C GLN D 21 -32.15 6.62 -23.66
N LEU D 22 -32.57 7.63 -24.43
CA LEU D 22 -33.25 8.77 -23.84
C LEU D 22 -34.63 8.42 -23.29
N THR D 23 -35.24 7.32 -23.76
CA THR D 23 -36.52 6.90 -23.21
C THR D 23 -36.38 6.18 -21.88
N GLN D 24 -35.22 5.60 -21.59
CA GLN D 24 -35.02 4.93 -20.32
C GLN D 24 -35.06 5.95 -19.18
N THR D 25 -35.50 5.49 -18.01
CA THR D 25 -35.57 6.34 -16.84
C THR D 25 -34.18 6.56 -16.24
N VAL D 26 -34.08 7.60 -15.41
CA VAL D 26 -32.84 7.88 -14.69
C VAL D 26 -32.46 6.70 -13.81
N ALA D 27 -33.46 6.03 -13.21
CA ALA D 27 -33.18 4.86 -12.39
C ALA D 27 -32.46 3.78 -13.19
N VAL D 28 -32.77 3.64 -14.48
CA VAL D 28 -32.07 2.66 -15.30
C VAL D 28 -30.62 3.06 -15.51
N LEU D 29 -30.37 4.35 -15.72
CA LEU D 29 -28.98 4.82 -15.77
C LEU D 29 -28.26 4.54 -14.46
N LYS D 30 -28.94 4.78 -13.33
CA LYS D 30 -28.32 4.48 -12.04
C LYS D 30 -27.99 3.00 -11.92
N GLN D 31 -28.83 2.12 -12.48
CA GLN D 31 -28.52 0.70 -12.43
C GLN D 31 -27.29 0.36 -13.27
N GLN D 32 -27.08 1.07 -14.39
CA GLN D 32 -25.85 0.90 -15.15
C GLN D 32 -24.64 1.31 -14.33
N VAL D 33 -24.73 2.46 -13.65
CA VAL D 33 -23.63 2.90 -12.79
C VAL D 33 -23.42 1.91 -11.66
N CYS D 34 -24.50 1.38 -11.10
CA CYS D 34 -24.39 0.35 -10.07
C CYS D 34 -23.58 -0.83 -10.57
N GLN D 35 -23.88 -1.31 -11.77
CA GLN D 35 -23.18 -2.47 -12.30
C GLN D 35 -21.70 -2.18 -12.52
N ARG D 36 -21.38 -1.00 -13.05
CA ARG D 36 -20.00 -0.65 -13.36
C ARG D 36 -19.21 -0.30 -12.11
N GLU D 37 -19.82 0.38 -11.15
CA GLU D 37 -19.12 0.84 -9.96
C GLU D 37 -19.28 -0.11 -8.77
N ARG D 38 -20.09 -1.16 -8.90
CA ARG D 38 -20.31 -2.13 -7.83
C ARG D 38 -20.85 -1.43 -6.56
N VAL D 39 -21.92 -0.65 -6.76
CA VAL D 39 -22.56 0.08 -5.68
C VAL D 39 -24.06 -0.14 -5.76
N GLN D 40 -24.78 0.39 -4.77
CA GLN D 40 -26.23 0.32 -4.73
C GLN D 40 -26.83 1.68 -5.06
N ALA D 41 -28.04 1.64 -5.63
CA ALA D 41 -28.67 2.86 -6.12
C ALA D 41 -28.96 3.85 -5.00
N ASP D 42 -29.21 3.37 -3.78
CA ASP D 42 -29.48 4.25 -2.65
C ASP D 42 -28.25 4.96 -2.12
N GLN D 43 -27.07 4.69 -2.68
CA GLN D 43 -25.84 5.29 -2.18
C GLN D 43 -25.42 6.52 -2.96
N PHE D 44 -26.16 6.91 -3.99
CA PHE D 44 -25.73 8.04 -4.80
C PHE D 44 -26.93 8.62 -5.55
N TRP D 45 -26.74 9.83 -6.07
CA TRP D 45 -27.69 10.47 -6.97
C TRP D 45 -26.92 11.08 -8.13
N LEU D 46 -27.66 11.48 -9.17
CA LEU D 46 -27.06 11.94 -10.41
C LEU D 46 -27.48 13.38 -10.69
N SER D 47 -26.52 14.16 -11.19
CA SER D 47 -26.78 15.54 -11.57
C SER D 47 -26.27 15.78 -12.99
N PHE D 48 -26.89 16.73 -13.67
CA PHE D 48 -26.47 17.15 -15.00
C PHE D 48 -26.65 18.65 -15.11
N GLU D 49 -25.57 19.35 -15.47
CA GLU D 49 -25.59 20.81 -15.65
C GLU D 49 -26.22 21.52 -14.46
N GLY D 50 -25.86 21.09 -13.25
CA GLY D 50 -26.32 21.74 -12.04
C GLY D 50 -27.73 21.39 -11.62
N LYS D 51 -28.32 20.34 -12.18
CA LYS D 51 -29.68 19.93 -11.85
C LYS D 51 -29.69 18.49 -11.37
N PRO D 52 -30.40 18.18 -10.29
CA PRO D 52 -30.54 16.78 -9.90
C PRO D 52 -31.47 16.06 -10.86
N MET D 53 -31.17 14.79 -11.11
CA MET D 53 -31.93 13.97 -12.04
C MET D 53 -32.87 13.07 -11.24
N ASP D 54 -34.16 13.12 -11.57
CA ASP D 54 -35.17 12.38 -10.83
C ASP D 54 -35.26 10.95 -11.34
N ASP D 55 -35.21 9.99 -10.40
CA ASP D 55 -35.09 8.58 -10.77
C ASP D 55 -36.21 8.12 -11.71
N GLU D 56 -37.41 8.69 -11.60
CA GLU D 56 -38.52 8.23 -12.40
C GLU D 56 -38.67 8.97 -13.73
N HIS D 57 -38.01 10.11 -13.90
CA HIS D 57 -38.14 10.85 -15.15
C HIS D 57 -37.26 10.22 -16.24
N PRO D 58 -37.65 10.36 -17.50
CA PRO D 58 -36.81 9.84 -18.59
C PRO D 58 -35.56 10.69 -18.77
N LEU D 59 -34.50 10.06 -19.28
CA LEU D 59 -33.23 10.75 -19.46
C LEU D 59 -33.35 11.89 -20.47
N GLY D 60 -34.19 11.72 -21.49
CA GLY D 60 -34.35 12.72 -22.51
C GLY D 60 -34.87 14.04 -22.01
N GLU D 61 -35.41 14.08 -20.79
CA GLU D 61 -35.91 15.34 -20.24
C GLU D 61 -34.78 16.31 -19.92
N TYR D 62 -33.59 15.79 -19.63
CA TYR D 62 -32.51 16.64 -19.14
C TYR D 62 -31.62 17.18 -20.26
N GLY D 63 -31.89 16.83 -21.51
CA GLY D 63 -31.14 17.39 -22.63
C GLY D 63 -29.70 16.90 -22.72
N LEU D 64 -29.50 15.59 -22.59
CA LEU D 64 -28.18 15.02 -22.75
C LEU D 64 -27.80 14.97 -24.23
N THR D 65 -26.50 15.11 -24.50
CA THR D 65 -25.95 14.98 -25.84
C THR D 65 -24.73 14.07 -25.80
N THR D 66 -24.31 13.59 -26.96
CA THR D 66 -23.10 12.78 -27.05
C THR D 66 -21.94 13.50 -26.39
N GLY D 67 -21.29 12.84 -25.43
CA GLY D 67 -20.11 13.37 -24.81
C GLY D 67 -20.35 14.34 -23.67
N CYS D 68 -21.60 14.58 -23.27
CA CYS D 68 -21.87 15.33 -22.05
C CYS D 68 -21.53 14.48 -20.83
N THR D 69 -21.37 15.14 -19.68
CA THR D 69 -20.95 14.48 -18.45
C THR D 69 -22.05 14.61 -17.39
N VAL D 70 -22.47 13.46 -16.86
CA VAL D 70 -23.37 13.38 -15.70
C VAL D 70 -22.50 13.11 -14.48
N PHE D 71 -22.79 13.78 -13.37
CA PHE D 71 -22.04 13.60 -12.13
C PHE D 71 -22.69 12.54 -11.26
N MET D 72 -21.88 11.64 -10.70
CA MET D 72 -22.31 10.70 -9.69
C MET D 72 -21.98 11.32 -8.32
N ASN D 73 -23.01 11.62 -7.54
CA ASN D 73 -22.85 12.29 -6.25
C ASN D 73 -23.23 11.33 -5.13
N LEU D 74 -22.33 11.18 -4.16
CA LEU D 74 -22.54 10.20 -3.11
C LEU D 74 -23.60 10.67 -2.11
N ARG D 75 -24.47 9.74 -1.72
CA ARG D 75 -25.36 9.93 -0.57
C ARG D 75 -24.61 9.38 0.63
N LEU D 76 -24.00 10.27 1.41
CA LEU D 76 -23.18 9.84 2.55
C LEU D 76 -24.04 9.81 3.81
N ARG D 77 -23.95 8.70 4.53
CA ARG D 77 -24.63 8.52 5.81
C ARG D 77 -23.71 7.69 6.70
N GLY D 78 -23.54 8.12 7.94
CA GLY D 78 -22.69 7.40 8.88
C GLY D 78 -23.15 7.60 10.31
N ASP E 2 -14.00 -13.08 -18.66
CA ASP E 2 -12.97 -12.36 -19.39
C ASP E 2 -12.88 -10.90 -18.93
N PHE E 3 -12.11 -10.66 -17.87
CA PHE E 3 -12.04 -9.33 -17.27
C PHE E 3 -11.37 -8.34 -18.22
N LEU E 4 -10.22 -8.71 -18.78
CA LEU E 4 -9.47 -7.77 -19.61
C LEU E 4 -10.25 -7.38 -20.86
N ASP E 5 -10.96 -8.32 -21.47
CA ASP E 5 -11.73 -8.01 -22.68
C ASP E 5 -13.05 -7.31 -22.38
N SER E 6 -13.40 -7.11 -21.10
CA SER E 6 -14.63 -6.43 -20.72
C SER E 6 -14.40 -4.96 -20.39
N LEU E 7 -13.17 -4.49 -20.42
CA LEU E 7 -12.87 -3.11 -20.10
C LEU E 7 -13.50 -2.17 -21.11
N ILE E 8 -13.94 -1.01 -20.64
CA ILE E 8 -14.56 0.00 -21.49
C ILE E 8 -13.48 0.96 -21.97
N TRP E 9 -13.32 1.05 -23.28
CA TRP E 9 -12.31 1.91 -23.89
C TRP E 9 -12.93 3.20 -24.39
N GLU E 10 -12.22 4.30 -24.19
CA GLU E 10 -12.62 5.62 -24.67
C GLU E 10 -11.83 5.92 -25.94
N ARG E 11 -12.53 6.18 -27.04
CA ARG E 11 -11.85 6.50 -28.29
CA ARG E 11 -11.85 6.50 -28.29
C ARG E 11 -11.25 7.90 -28.22
N VAL E 12 -9.96 8.00 -28.54
CA VAL E 12 -9.23 9.26 -28.52
C VAL E 12 -9.25 9.84 -29.93
N VAL E 13 -8.60 9.14 -30.85
CA VAL E 13 -8.51 9.52 -32.26
C VAL E 13 -8.40 8.22 -33.07
N ASP E 14 -9.11 8.17 -34.19
CA ASP E 14 -9.07 7.01 -35.09
C ASP E 14 -9.16 5.69 -34.33
N ASP E 15 -8.07 4.91 -34.34
CA ASP E 15 -8.02 3.63 -33.66
C ASP E 15 -7.15 3.67 -32.41
N GLN E 16 -7.08 4.82 -31.75
CA GLN E 16 -6.40 4.96 -30.46
CA GLN E 16 -6.39 4.96 -30.47
C GLN E 16 -7.44 5.11 -29.36
N TYR E 17 -7.29 4.33 -28.30
CA TYR E 17 -8.25 4.29 -27.19
C TYR E 17 -7.51 4.34 -25.86
N VAL E 18 -8.20 4.80 -24.81
CA VAL E 18 -7.64 4.85 -23.47
C VAL E 18 -8.64 4.26 -22.49
N THR E 19 -8.11 3.73 -21.39
CA THR E 19 -8.93 3.26 -20.28
C THR E 19 -8.11 3.41 -19.01
N ASN E 20 -8.80 3.52 -17.88
CA ASN E 20 -8.14 3.80 -16.60
C ASN E 20 -8.71 2.91 -15.50
N PRO E 21 -8.56 1.60 -15.62
CA PRO E 21 -8.95 0.70 -14.53
C PRO E 21 -7.87 0.72 -13.46
N THR E 22 -8.19 0.10 -12.32
CA THR E 22 -7.25 -0.01 -11.22
C THR E 22 -7.16 -1.48 -10.83
N PHE E 23 -6.16 -2.17 -11.34
CA PHE E 23 -5.91 -3.55 -10.94
C PHE E 23 -4.41 -3.79 -10.91
N CYS E 24 -4.02 -4.86 -10.24
CA CYS E 24 -2.61 -5.27 -10.18
C CYS E 24 -2.26 -6.02 -11.46
N ILE E 25 -1.17 -5.59 -12.10
CA ILE E 25 -0.84 -6.11 -13.42
C ILE E 25 -0.53 -7.60 -13.38
N SER E 26 0.14 -8.08 -12.32
CA SER E 26 0.53 -9.48 -12.25
C SER E 26 -0.64 -10.42 -11.96
N ASP E 27 -1.85 -9.89 -11.72
CA ASP E 27 -3.02 -10.75 -11.54
C ASP E 27 -3.58 -11.26 -12.84
N TYR E 28 -3.32 -10.57 -13.96
CA TYR E 28 -3.84 -10.98 -15.25
C TYR E 28 -2.76 -11.19 -16.30
N PHE E 29 -1.53 -10.74 -16.06
CA PHE E 29 -0.45 -10.85 -17.03
C PHE E 29 0.75 -11.54 -16.39
N GLU E 30 1.56 -12.18 -17.24
CA GLU E 30 2.91 -12.60 -16.89
C GLU E 30 3.89 -11.61 -17.48
N ILE E 31 4.83 -11.15 -16.65
CA ILE E 31 5.79 -10.13 -17.07
C ILE E 31 6.98 -10.84 -17.71
N VAL E 32 7.29 -10.50 -18.96
CA VAL E 32 8.47 -11.00 -19.65
C VAL E 32 9.45 -9.85 -19.72
N ARG E 33 10.45 -9.88 -18.84
CA ARG E 33 11.28 -8.72 -18.61
C ARG E 33 12.30 -8.51 -19.72
N GLN E 34 12.61 -7.26 -19.99
CA GLN E 34 13.43 -6.83 -21.11
C GLN E 34 14.61 -6.02 -20.60
N PRO E 35 15.71 -5.97 -21.36
CA PRO E 35 16.91 -5.28 -20.87
C PRO E 35 16.71 -3.78 -20.79
N GLY E 36 17.44 -3.16 -19.86
CA GLY E 36 17.43 -1.72 -19.74
C GLY E 36 18.50 -1.06 -20.58
N ASP E 37 18.47 -1.30 -21.90
CA ASP E 37 19.53 -0.83 -22.79
C ASP E 37 19.10 0.36 -23.64
N GLY E 38 17.92 0.91 -23.39
CA GLY E 38 17.37 1.95 -24.24
C GLY E 38 16.51 1.43 -25.38
N ASN E 39 16.59 0.13 -25.67
CA ASN E 39 15.82 -0.48 -26.76
C ASN E 39 14.63 -1.29 -26.26
N CYS E 40 14.27 -1.14 -24.97
CA CYS E 40 13.31 -2.03 -24.33
C CYS E 40 11.97 -2.03 -25.04
N PHE E 41 11.53 -0.88 -25.56
CA PHE E 41 10.27 -0.85 -26.28
C PHE E 41 10.29 -1.82 -27.46
N TYR E 42 11.36 -1.75 -28.26
CA TYR E 42 11.46 -2.65 -29.41
C TYR E 42 11.77 -4.08 -29.00
N HIS E 43 12.55 -4.27 -27.94
CA HIS E 43 12.71 -5.61 -27.36
C HIS E 43 11.36 -6.22 -27.02
N SER E 44 10.51 -5.43 -26.35
CA SER E 44 9.22 -5.95 -25.88
C SER E 44 8.34 -6.35 -27.04
N ILE E 45 8.29 -5.51 -28.09
CA ILE E 45 7.54 -5.86 -29.29
C ILE E 45 8.08 -7.14 -29.91
N ALA E 46 9.40 -7.20 -30.09
CA ALA E 46 10.01 -8.39 -30.69
C ALA E 46 9.67 -9.65 -29.91
N GLU E 47 9.66 -9.56 -28.57
CA GLU E 47 9.36 -10.72 -27.75
C GLU E 47 7.97 -11.28 -28.07
N LEU E 48 7.00 -10.41 -28.29
CA LEU E 48 5.63 -10.82 -28.56
C LEU E 48 5.34 -11.06 -30.03
N PHE E 49 6.05 -10.37 -30.93
CA PHE E 49 5.73 -10.45 -32.35
C PHE E 49 6.44 -11.60 -33.05
N PHE E 50 7.64 -11.97 -32.61
CA PHE E 50 8.40 -13.03 -33.26
C PHE E 50 8.33 -14.31 -32.45
N ASP E 51 8.52 -15.44 -33.14
CA ASP E 51 8.47 -16.73 -32.46
C ASP E 51 9.71 -16.96 -31.61
N VAL E 52 10.89 -16.66 -32.16
CA VAL E 52 12.16 -16.76 -31.44
C VAL E 52 12.79 -15.38 -31.42
N LYS E 53 13.04 -14.85 -30.22
CA LYS E 53 13.65 -13.54 -30.06
C LYS E 53 15.10 -13.69 -29.61
N THR E 54 15.98 -12.93 -30.22
CA THR E 54 17.37 -12.79 -29.84
C THR E 54 17.62 -11.40 -29.27
N PRO E 55 18.79 -11.14 -28.68
CA PRO E 55 19.09 -9.77 -28.22
C PRO E 55 19.19 -8.76 -29.34
N PHE E 56 19.10 -9.20 -30.59
CA PHE E 56 19.14 -8.30 -31.73
C PHE E 56 17.87 -8.31 -32.55
N SER E 57 16.85 -9.08 -32.15
CA SER E 57 15.59 -9.10 -32.88
C SER E 57 14.91 -7.74 -32.91
N PHE E 58 15.21 -6.87 -31.94
CA PHE E 58 14.57 -5.56 -31.91
C PHE E 58 14.84 -4.75 -33.15
N ARG E 59 15.95 -5.04 -33.85
CA ARG E 59 16.27 -4.26 -35.04
C ARG E 59 15.29 -4.56 -36.18
N LYS E 60 14.74 -5.77 -36.23
CA LYS E 60 13.68 -6.04 -37.19
C LYS E 60 12.45 -5.18 -36.91
N VAL E 61 12.15 -4.94 -35.64
CA VAL E 61 11.02 -4.09 -35.28
C VAL E 61 11.28 -2.65 -35.70
N LYS E 62 12.50 -2.16 -35.45
CA LYS E 62 12.81 -0.78 -35.81
C LYS E 62 12.81 -0.58 -37.32
N GLU E 63 13.10 -1.62 -38.09
CA GLU E 63 13.02 -1.51 -39.54
C GLU E 63 11.57 -1.36 -39.99
N HIS E 64 10.66 -2.15 -39.41
CA HIS E 64 9.24 -1.93 -39.63
C HIS E 64 8.80 -0.55 -39.18
N LEU E 65 9.43 -0.03 -38.12
CA LEU E 65 9.11 1.33 -37.67
C LEU E 65 9.51 2.36 -38.72
N ARG E 66 10.66 2.18 -39.36
CA ARG E 66 11.07 3.14 -40.39
C ARG E 66 10.09 3.13 -41.56
N LEU E 67 9.64 1.94 -41.97
CA LEU E 67 8.60 1.86 -42.99
C LEU E 67 7.31 2.53 -42.51
N ALA E 68 6.94 2.31 -41.25
CA ALA E 68 5.71 2.89 -40.71
C ALA E 68 5.81 4.40 -40.62
N ALA E 69 6.94 4.91 -40.14
CA ALA E 69 7.12 6.36 -40.04
C ALA E 69 7.01 7.02 -41.41
N ASP E 70 7.68 6.46 -42.41
CA ASP E 70 7.59 7.02 -43.75
C ASP E 70 6.16 7.04 -44.27
N ALA E 71 5.33 6.06 -43.89
CA ALA E 71 3.97 6.00 -44.37
C ALA E 71 2.97 6.81 -43.54
N PHE E 72 3.22 6.97 -42.23
CA PHE E 72 2.19 7.48 -41.34
C PHE E 72 2.57 8.71 -40.53
N TYR E 73 3.88 9.00 -40.35
CA TYR E 73 4.30 10.03 -39.40
C TYR E 73 3.62 11.37 -39.65
N ASP E 74 3.50 11.77 -40.92
CA ASP E 74 2.99 13.10 -41.24
C ASP E 74 1.53 13.31 -40.81
N THR E 75 0.81 12.22 -40.52
CA THR E 75 -0.59 12.31 -40.09
C THR E 75 -0.79 11.76 -38.67
N GLU E 76 0.28 11.52 -37.94
CA GLU E 76 0.16 10.95 -36.60
C GLU E 76 -0.37 12.01 -35.63
N PRO E 77 -1.43 11.71 -34.88
CA PRO E 77 -1.96 12.72 -33.94
C PRO E 77 -0.94 13.15 -32.90
N GLU E 78 -0.23 12.19 -32.29
CA GLU E 78 0.70 12.55 -31.22
C GLU E 78 1.76 13.54 -31.67
N ALA E 79 2.13 13.51 -32.94
CA ALA E 79 3.17 14.40 -33.45
C ALA E 79 2.64 15.80 -33.81
N ILE E 80 1.39 16.12 -33.49
CA ILE E 80 0.87 17.42 -33.87
C ILE E 80 1.52 18.51 -33.03
N GLY E 81 1.91 19.61 -33.67
CA GLY E 81 2.51 20.72 -32.97
C GLY E 81 3.91 20.50 -32.46
N THR E 82 4.62 19.48 -32.95
CA THR E 82 5.98 19.22 -32.50
C THR E 82 7.03 19.99 -33.29
N GLY E 83 6.76 20.31 -34.56
CA GLY E 83 7.74 20.98 -35.39
C GLY E 83 8.88 20.10 -35.87
N VAL E 84 8.81 18.80 -35.62
CA VAL E 84 9.84 17.85 -36.08
C VAL E 84 9.39 17.26 -37.40
N THR E 85 10.23 17.41 -38.43
CA THR E 85 9.91 16.84 -39.73
C THR E 85 10.02 15.31 -39.68
N LYS E 86 9.47 14.67 -40.72
CA LYS E 86 9.56 13.22 -40.79
C LYS E 86 10.99 12.74 -40.87
N GLU E 87 11.81 13.43 -41.68
CA GLU E 87 13.22 13.06 -41.79
C GLU E 87 13.95 13.23 -40.47
N GLU E 88 13.66 14.32 -39.75
CA GLU E 88 14.30 14.52 -38.44
C GLU E 88 13.88 13.46 -37.44
N TYR E 89 12.60 13.04 -37.48
CA TYR E 89 12.15 12.03 -36.53
C TYR E 89 12.81 10.68 -36.81
N ILE E 90 12.83 10.25 -38.07
CA ILE E 90 13.35 8.92 -38.39
C ILE E 90 14.84 8.85 -38.09
N GLN E 91 15.58 9.92 -38.39
CA GLN E 91 17.00 9.96 -38.07
C GLN E 91 17.24 9.76 -36.58
N ALA E 92 16.41 10.39 -35.74
CA ALA E 92 16.56 10.24 -34.30
C ALA E 92 16.03 8.90 -33.80
N ALA E 93 14.93 8.42 -34.39
CA ALA E 93 14.31 7.20 -33.88
C ALA E 93 15.17 5.98 -34.13
N MET E 94 15.89 5.96 -35.26
CA MET E 94 16.69 4.80 -35.65
C MET E 94 18.05 4.73 -34.98
N LYS E 95 18.40 5.70 -34.13
CA LYS E 95 19.63 5.61 -33.38
C LYS E 95 19.53 4.50 -32.33
N ASP E 96 20.64 3.80 -32.10
CA ASP E 96 20.63 2.78 -31.07
C ASP E 96 20.40 3.40 -29.69
N ASN E 97 19.71 2.65 -28.82
CA ASN E 97 19.40 3.04 -27.45
C ASN E 97 18.45 4.24 -27.39
N GLU E 98 17.80 4.57 -28.50
CA GLU E 98 16.82 5.65 -28.53
C GLU E 98 15.47 5.13 -28.05
N TRP E 99 14.89 5.81 -27.06
CA TRP E 99 13.64 5.35 -26.47
C TRP E 99 12.50 5.44 -27.49
N GLY E 100 11.55 4.53 -27.34
CA GLY E 100 10.33 4.55 -28.12
C GLY E 100 9.11 4.47 -27.20
N GLY E 101 7.93 4.53 -27.82
CA GLY E 101 6.72 4.43 -27.04
C GLY E 101 5.43 4.60 -27.82
N SER E 102 4.57 5.51 -27.36
CA SER E 102 3.22 5.62 -27.90
C SER E 102 3.22 6.04 -29.36
N LEU E 103 4.08 6.99 -29.73
CA LEU E 103 4.16 7.38 -31.14
C LEU E 103 4.55 6.19 -32.00
N GLU E 104 5.55 5.42 -31.57
CA GLU E 104 6.00 4.28 -32.34
C GLU E 104 4.94 3.18 -32.37
N ALA E 105 4.24 2.97 -31.25
CA ALA E 105 3.18 1.95 -31.21
C ALA E 105 2.03 2.30 -32.15
N SER E 106 1.64 3.58 -32.19
CA SER E 106 0.60 3.99 -33.12
C SER E 106 0.97 3.67 -34.56
N MET E 107 2.20 3.99 -34.96
CA MET E 107 2.60 3.75 -36.34
C MET E 107 2.82 2.27 -36.62
N LEU E 108 3.39 1.53 -35.66
CA LEU E 108 3.60 0.10 -35.87
C LEU E 108 2.28 -0.66 -35.96
N SER E 109 1.26 -0.24 -35.21
CA SER E 109 -0.02 -0.95 -35.27
C SER E 109 -0.64 -0.84 -36.65
N LYS E 110 -0.52 0.32 -37.30
CA LYS E 110 -1.04 0.46 -38.66
C LYS E 110 -0.17 -0.27 -39.68
N GLN E 111 1.16 -0.19 -39.52
CA GLN E 111 2.06 -0.83 -40.48
C GLN E 111 1.91 -2.34 -40.45
N LEU E 112 1.83 -2.92 -39.25
CA LEU E 112 1.78 -4.37 -39.09
C LEU E 112 0.36 -4.92 -39.00
N GLN E 113 -0.65 -4.04 -38.97
CA GLN E 113 -2.05 -4.45 -38.82
C GLN E 113 -2.23 -5.32 -37.58
N ILE E 114 -1.70 -4.85 -36.45
CA ILE E 114 -1.83 -5.50 -35.16
C ILE E 114 -2.31 -4.47 -34.16
N THR E 115 -2.76 -4.95 -33.00
CA THR E 115 -3.17 -4.10 -31.90
C THR E 115 -2.09 -4.13 -30.83
N ILE E 116 -1.67 -2.95 -30.39
CA ILE E 116 -0.65 -2.80 -29.35
C ILE E 116 -1.29 -2.06 -28.18
N ILE E 117 -1.05 -2.54 -26.96
CA ILE E 117 -1.55 -1.88 -25.77
C ILE E 117 -0.39 -1.58 -24.85
N LEU E 118 -0.31 -0.33 -24.40
CA LEU E 118 0.69 0.10 -23.43
C LEU E 118 0.00 0.30 -22.08
N TRP E 119 0.37 -0.53 -21.10
CA TRP E 119 -0.21 -0.48 -19.77
C TRP E 119 0.70 0.35 -18.87
N VAL E 120 0.21 1.50 -18.42
CA VAL E 120 0.97 2.37 -17.53
C VAL E 120 0.81 1.87 -16.10
N VAL E 121 1.93 1.57 -15.45
CA VAL E 121 1.94 0.87 -14.17
C VAL E 121 2.74 1.69 -13.17
N ASN E 122 2.18 1.85 -11.97
CA ASN E 122 2.88 2.62 -10.94
C ASN E 122 3.93 1.77 -10.24
N GLN E 123 4.38 2.21 -9.06
CA GLN E 123 5.46 1.53 -8.36
C GLN E 123 4.99 0.23 -7.69
N THR E 124 3.73 0.15 -7.30
CA THR E 124 3.17 -1.06 -6.71
C THR E 124 2.48 -1.95 -7.74
N GLU E 125 3.08 -2.06 -8.93
CA GLU E 125 2.56 -2.78 -10.10
C GLU E 125 1.05 -2.60 -10.33
N GLN E 126 0.52 -1.43 -10.00
CA GLN E 126 -0.89 -1.14 -10.19
C GLN E 126 -1.09 -0.33 -11.48
N VAL E 127 -2.02 -0.79 -12.31
CA VAL E 127 -2.37 -0.07 -13.54
C VAL E 127 -3.02 1.26 -13.18
N THR E 128 -2.58 2.33 -13.85
CA THR E 128 -3.25 3.62 -13.75
C THR E 128 -3.85 4.08 -15.07
N ALA E 129 -3.39 3.55 -16.19
CA ALA E 129 -3.89 3.91 -17.51
C ALA E 129 -3.45 2.84 -18.49
N ALA E 130 -4.17 2.75 -19.59
CA ALA E 130 -3.74 1.95 -20.73
C ALA E 130 -4.11 2.69 -22.00
N ILE E 131 -3.22 2.63 -22.99
CA ILE E 131 -3.49 3.20 -24.31
C ILE E 131 -3.45 2.04 -25.30
N LYS E 132 -4.52 1.91 -26.08
CA LYS E 132 -4.63 0.85 -27.07
C LYS E 132 -4.53 1.44 -28.47
N PHE E 133 -3.68 0.85 -29.29
CA PHE E 133 -3.49 1.27 -30.69
C PHE E 133 -3.94 0.11 -31.57
N GLY E 134 -5.11 0.27 -32.20
CA GLY E 134 -5.68 -0.77 -33.02
C GLY E 134 -7.06 -1.17 -32.53
N PRO E 135 -7.82 -1.88 -33.37
CA PRO E 135 -9.20 -2.23 -33.02
C PRO E 135 -9.39 -3.50 -32.22
N GLY E 136 -8.34 -4.30 -32.01
CA GLY E 136 -8.51 -5.61 -31.43
C GLY E 136 -8.80 -5.60 -29.94
N ARG E 137 -9.05 -6.80 -29.41
CA ARG E 137 -9.28 -6.99 -27.99
C ARG E 137 -7.96 -7.21 -27.26
N VAL E 138 -8.02 -7.11 -25.93
CA VAL E 138 -6.82 -7.20 -25.11
C VAL E 138 -6.16 -8.56 -25.27
N SER E 139 -6.96 -9.64 -25.27
CA SER E 139 -6.41 -10.98 -25.34
C SER E 139 -5.76 -11.30 -26.68
N THR E 140 -6.04 -10.53 -27.73
CA THR E 140 -5.44 -10.75 -29.03
C THR E 140 -4.33 -9.75 -29.34
N ALA E 141 -4.06 -8.82 -28.43
CA ALA E 141 -3.15 -7.71 -28.68
C ALA E 141 -1.75 -8.02 -28.19
N LEU E 142 -0.80 -7.15 -28.58
CA LEU E 142 0.55 -7.16 -28.04
C LEU E 142 0.57 -6.19 -26.85
N ASN E 143 0.66 -6.75 -25.64
CA ASN E 143 0.54 -5.97 -24.41
C ASN E 143 1.92 -5.66 -23.86
N LEU E 144 2.18 -4.38 -23.62
CA LEU E 144 3.43 -3.93 -23.02
C LEU E 144 3.15 -3.27 -21.69
N MET E 145 4.11 -3.35 -20.79
CA MET E 145 4.03 -2.70 -19.50
C MET E 145 5.02 -1.55 -19.47
N HIS E 146 4.53 -0.35 -19.18
CA HIS E 146 5.35 0.85 -19.03
C HIS E 146 5.51 1.11 -17.54
N VAL E 147 6.72 0.91 -17.03
CA VAL E 147 6.98 0.99 -15.59
C VAL E 147 7.95 2.13 -15.32
N GLY E 148 7.66 2.90 -14.28
CA GLY E 148 8.51 4.00 -13.86
C GLY E 148 8.67 5.13 -14.86
N ARG E 149 7.82 5.18 -15.88
CA ARG E 149 7.88 6.17 -16.96
C ARG E 149 9.20 6.13 -17.73
N THR E 150 10.00 5.07 -17.57
CA THR E 150 11.29 5.02 -18.26
C THR E 150 11.59 3.66 -18.89
N HIS E 151 10.68 2.69 -18.81
CA HIS E 151 11.02 1.33 -19.18
C HIS E 151 9.80 0.61 -19.72
N PHE E 152 10.03 -0.34 -20.62
CA PHE E 152 8.99 -1.19 -21.17
C PHE E 152 9.34 -2.65 -20.94
N ASP E 153 8.37 -3.43 -20.48
CA ASP E 153 8.46 -4.88 -20.48
C ASP E 153 7.31 -5.44 -21.31
N ALA E 154 7.45 -6.70 -21.72
CA ALA E 154 6.40 -7.39 -22.43
C ALA E 154 5.49 -8.12 -21.45
N LEU E 155 4.24 -8.29 -21.83
CA LEU E 155 3.27 -9.00 -21.02
C LEU E 155 2.57 -10.08 -21.85
N ARG E 156 2.24 -11.18 -21.21
CA ARG E 156 1.45 -12.24 -21.81
C ARG E 156 0.19 -12.46 -20.97
N VAL E 157 -0.96 -12.57 -21.64
CA VAL E 157 -2.23 -12.73 -20.96
C VAL E 157 -2.31 -14.11 -20.33
N ILE E 158 -2.72 -14.17 -19.07
CA ILE E 158 -2.90 -15.44 -18.38
C ILE E 158 -4.24 -16.05 -18.77
N ALA F 2 -15.90 35.01 -25.83
CA ALA F 2 -16.74 34.10 -25.07
C ALA F 2 -15.88 33.23 -24.15
N THR F 3 -16.39 33.00 -22.94
CA THR F 3 -15.72 32.17 -21.94
C THR F 3 -16.45 30.85 -21.80
N LEU F 4 -15.72 29.75 -21.89
CA LEU F 4 -16.27 28.42 -21.71
C LEU F 4 -15.72 27.79 -20.44
N ASN F 5 -16.52 26.93 -19.84
CA ASN F 5 -16.10 26.06 -18.75
C ASN F 5 -16.08 24.65 -19.32
N ILE F 6 -14.88 24.11 -19.52
CA ILE F 6 -14.74 22.79 -20.12
C ILE F 6 -14.13 21.85 -19.10
N LEU F 7 -14.21 20.56 -19.38
CA LEU F 7 -13.56 19.53 -18.58
C LEU F 7 -12.37 18.97 -19.33
N VAL F 8 -11.29 18.72 -18.60
CA VAL F 8 -10.12 18.03 -19.14
C VAL F 8 -9.96 16.74 -18.37
N ARG F 9 -9.97 15.63 -19.08
CA ARG F 9 -9.76 14.31 -18.51
C ARG F 9 -8.27 14.01 -18.54
N ASN F 10 -7.67 13.80 -17.37
CA ASN F 10 -6.22 13.73 -17.27
C ASN F 10 -5.72 12.30 -17.49
N ASP F 11 -4.44 12.07 -17.18
CA ASP F 11 -3.82 10.77 -17.45
C ASP F 11 -4.32 9.67 -16.52
N LYS F 12 -4.99 10.02 -15.43
CA LYS F 12 -5.60 9.05 -14.55
C LYS F 12 -7.07 8.79 -14.86
N GLY F 13 -7.60 9.47 -15.88
CA GLY F 13 -9.01 9.39 -16.19
C GLY F 13 -9.89 10.35 -15.42
N ARG F 14 -9.32 11.20 -14.57
CA ARG F 14 -10.08 12.15 -13.77
C ARG F 14 -10.33 13.45 -14.54
N SER F 15 -11.56 13.94 -14.48
CA SER F 15 -11.95 15.16 -15.16
C SER F 15 -12.07 16.29 -14.15
N SER F 16 -11.51 17.45 -14.50
CA SER F 16 -11.71 18.68 -13.73
C SER F 16 -11.95 19.81 -14.71
N SER F 17 -12.55 20.89 -14.20
CA SER F 17 -13.03 21.95 -15.07
C SER F 17 -11.98 23.04 -15.25
N TYR F 18 -11.99 23.64 -16.43
CA TYR F 18 -11.08 24.71 -16.81
C TYR F 18 -11.87 25.84 -17.45
N GLU F 19 -11.54 27.06 -17.06
CA GLU F 19 -12.12 28.25 -17.68
C GLU F 19 -11.25 28.65 -18.86
N VAL F 20 -11.85 28.72 -20.06
CA VAL F 20 -11.12 29.05 -21.27
C VAL F 20 -11.92 30.03 -22.11
N GLN F 21 -11.20 30.80 -22.93
CA GLN F 21 -11.80 31.65 -23.95
C GLN F 21 -11.63 31.00 -25.32
N LEU F 22 -12.65 31.12 -26.16
CA LEU F 22 -12.60 30.49 -27.47
C LEU F 22 -11.48 31.02 -28.33
N THR F 23 -11.03 32.26 -28.09
CA THR F 23 -9.95 32.85 -28.87
C THR F 23 -8.56 32.50 -28.34
N GLN F 24 -8.44 31.88 -27.18
CA GLN F 24 -7.13 31.48 -26.71
C GLN F 24 -6.62 30.30 -27.53
N THR F 25 -5.30 30.20 -27.65
CA THR F 25 -4.69 29.11 -28.39
C THR F 25 -4.70 27.82 -27.57
N VAL F 26 -4.60 26.69 -28.28
CA VAL F 26 -4.48 25.40 -27.63
C VAL F 26 -3.27 25.37 -26.70
N ALA F 27 -2.19 26.08 -27.07
CA ALA F 27 -1.00 26.13 -26.23
C ALA F 27 -1.28 26.76 -24.87
N VAL F 28 -2.20 27.73 -24.82
CA VAL F 28 -2.56 28.32 -23.53
C VAL F 28 -3.31 27.32 -22.67
N LEU F 29 -4.21 26.53 -23.28
CA LEU F 29 -4.89 25.49 -22.52
C LEU F 29 -3.90 24.43 -22.03
N LYS F 30 -2.91 24.09 -22.86
CA LYS F 30 -1.89 23.13 -22.41
C LYS F 30 -1.11 23.67 -21.23
N GLN F 31 -0.84 24.98 -21.21
CA GLN F 31 -0.15 25.58 -20.07
C GLN F 31 -1.00 25.50 -18.80
N GLN F 32 -2.32 25.68 -18.94
CA GLN F 32 -3.20 25.50 -17.79
C GLN F 32 -3.15 24.09 -17.26
N VAL F 33 -3.17 23.10 -18.16
CA VAL F 33 -3.09 21.71 -17.72
C VAL F 33 -1.71 21.41 -17.13
N CYS F 34 -0.66 22.00 -17.70
CA CYS F 34 0.68 21.86 -17.13
C CYS F 34 0.69 22.28 -15.67
N GLN F 35 0.11 23.44 -15.37
CA GLN F 35 0.16 23.97 -14.02
C GLN F 35 -0.69 23.14 -13.07
N ARG F 36 -1.76 22.53 -13.55
CA ARG F 36 -2.63 21.79 -12.64
C ARG F 36 -2.17 20.35 -12.45
N GLU F 37 -1.73 19.70 -13.51
CA GLU F 37 -1.27 18.31 -13.44
C GLU F 37 0.21 18.18 -13.11
N ARG F 38 0.92 19.30 -13.02
CA ARG F 38 2.35 19.30 -12.70
C ARG F 38 3.14 18.48 -13.72
N VAL F 39 2.98 18.84 -15.00
CA VAL F 39 3.67 18.20 -16.11
C VAL F 39 4.19 19.29 -17.04
N GLN F 40 5.00 18.87 -18.01
CA GLN F 40 5.51 19.77 -19.02
C GLN F 40 4.75 19.59 -20.32
N ALA F 41 4.77 20.66 -21.14
CA ALA F 41 3.94 20.70 -22.35
C ALA F 41 4.32 19.61 -23.33
N ASP F 42 5.61 19.25 -23.43
CA ASP F 42 6.05 18.26 -24.39
C ASP F 42 5.64 16.84 -24.03
N GLN F 43 5.10 16.63 -22.83
CA GLN F 43 4.79 15.28 -22.34
C GLN F 43 3.38 14.82 -22.67
N PHE F 44 2.59 15.65 -23.36
CA PHE F 44 1.21 15.28 -23.63
C PHE F 44 0.68 16.10 -24.80
N TRP F 45 -0.44 15.66 -25.35
CA TRP F 45 -1.17 16.40 -26.38
C TRP F 45 -2.65 16.30 -26.06
N LEU F 46 -3.43 17.22 -26.62
CA LEU F 46 -4.86 17.27 -26.34
C LEU F 46 -5.65 16.83 -27.56
N SER F 47 -6.81 16.22 -27.31
CA SER F 47 -7.71 15.83 -28.36
C SER F 47 -9.15 16.16 -27.95
N PHE F 48 -10.00 16.37 -28.95
CA PHE F 48 -11.41 16.62 -28.68
C PHE F 48 -12.24 16.02 -29.82
N GLU F 49 -13.20 15.17 -29.46
CA GLU F 49 -14.07 14.49 -30.41
C GLU F 49 -13.29 13.90 -31.58
N GLY F 50 -12.24 13.16 -31.25
CA GLY F 50 -11.46 12.48 -32.26
C GLY F 50 -10.49 13.36 -33.04
N LYS F 51 -10.31 14.62 -32.64
CA LYS F 51 -9.46 15.54 -33.38
C LYS F 51 -8.27 15.95 -32.51
N PRO F 52 -7.03 15.80 -32.98
CA PRO F 52 -5.90 16.34 -32.23
C PRO F 52 -5.88 17.85 -32.34
N MET F 53 -5.57 18.51 -31.23
CA MET F 53 -5.66 19.97 -31.14
C MET F 53 -4.29 20.57 -31.37
N ASP F 54 -4.19 21.45 -32.36
CA ASP F 54 -2.92 22.04 -32.76
C ASP F 54 -2.62 23.26 -31.89
N ASP F 55 -1.42 23.25 -31.28
CA ASP F 55 -1.06 24.25 -30.27
C ASP F 55 -1.35 25.68 -30.73
N GLU F 56 -1.02 26.01 -31.97
CA GLU F 56 -1.14 27.38 -32.44
C GLU F 56 -2.57 27.77 -32.81
N HIS F 57 -3.51 26.82 -32.81
CA HIS F 57 -4.86 27.13 -33.28
C HIS F 57 -5.76 27.54 -32.12
N PRO F 58 -6.75 28.39 -32.39
CA PRO F 58 -7.68 28.78 -31.33
C PRO F 58 -8.63 27.65 -30.97
N LEU F 59 -9.03 27.62 -29.69
CA LEU F 59 -9.90 26.54 -29.21
C LEU F 59 -11.23 26.51 -29.96
N GLY F 60 -11.74 27.67 -30.36
CA GLY F 60 -13.00 27.76 -31.09
C GLY F 60 -12.98 27.07 -32.44
N GLU F 61 -11.81 26.73 -32.95
CA GLU F 61 -11.71 26.01 -34.21
C GLU F 61 -12.17 24.56 -34.07
N TYR F 62 -12.17 24.02 -32.85
CA TYR F 62 -12.43 22.61 -32.62
C TYR F 62 -13.85 22.33 -32.13
N GLY F 63 -14.67 23.37 -31.97
CA GLY F 63 -16.05 23.17 -31.60
C GLY F 63 -16.27 22.81 -30.14
N LEU F 64 -15.42 23.29 -29.24
CA LEU F 64 -15.65 23.10 -27.81
C LEU F 64 -16.95 23.79 -27.40
N THR F 65 -17.64 23.19 -26.43
CA THR F 65 -18.80 23.78 -25.77
C THR F 65 -18.59 23.72 -24.26
N THR F 66 -19.38 24.52 -23.53
CA THR F 66 -19.34 24.40 -22.08
C THR F 66 -19.82 23.01 -21.69
N GLY F 67 -19.08 22.36 -20.79
CA GLY F 67 -19.39 21.02 -20.36
C GLY F 67 -18.81 19.91 -21.20
N CYS F 68 -18.12 20.23 -22.29
CA CYS F 68 -17.47 19.20 -23.08
C CYS F 68 -16.20 18.72 -22.39
N THR F 69 -15.70 17.56 -22.83
CA THR F 69 -14.50 16.98 -22.24
C THR F 69 -13.39 16.87 -23.29
N VAL F 70 -12.28 17.52 -23.00
CA VAL F 70 -11.04 17.41 -23.78
C VAL F 70 -10.18 16.32 -23.12
N PHE F 71 -9.52 15.50 -23.95
CA PHE F 71 -8.69 14.40 -23.46
C PHE F 71 -7.23 14.83 -23.42
N MET F 72 -6.57 14.57 -22.31
CA MET F 72 -5.13 14.73 -22.16
C MET F 72 -4.48 13.39 -22.47
N ASN F 73 -3.64 13.35 -23.51
CA ASN F 73 -3.03 12.11 -23.99
C ASN F 73 -1.53 12.15 -23.74
N LEU F 74 -1.02 11.18 -22.98
CA LEU F 74 0.39 11.14 -22.65
C LEU F 74 1.23 10.73 -23.84
N ARG F 75 2.39 11.38 -23.99
CA ARG F 75 3.44 10.92 -24.90
C ARG F 75 4.35 10.00 -24.11
N LEU F 76 4.14 8.69 -24.24
CA LEU F 76 4.92 7.72 -23.48
C LEU F 76 6.21 7.38 -24.21
N ARG F 77 7.32 7.42 -23.49
CA ARG F 77 8.61 7.01 -24.00
C ARG F 77 9.35 6.26 -22.90
N GLY F 78 9.98 5.15 -23.27
CA GLY F 78 10.73 4.35 -22.32
C GLY F 78 11.76 3.49 -23.01
N ASP G 2 26.68 6.33 6.12
CA ASP G 2 25.31 6.65 5.77
C ASP G 2 24.36 5.54 6.18
N PHE G 3 23.21 5.44 5.50
CA PHE G 3 22.18 4.50 5.91
C PHE G 3 22.52 3.06 5.51
N LEU G 4 22.93 2.85 4.26
CA LEU G 4 23.18 1.49 3.78
C LEU G 4 24.35 0.85 4.50
N ASP G 5 25.40 1.63 4.80
CA ASP G 5 26.57 1.08 5.46
C ASP G 5 26.41 0.97 6.97
N SER G 6 25.28 1.41 7.53
CA SER G 6 25.03 1.31 8.95
C SER G 6 24.15 0.12 9.31
N LEU G 7 23.72 -0.66 8.32
CA LEU G 7 22.86 -1.81 8.58
C LEU G 7 23.59 -2.85 9.44
N ILE G 8 22.84 -3.56 10.26
CA ILE G 8 23.40 -4.58 11.14
C ILE G 8 23.24 -5.93 10.47
N TRP G 9 24.36 -6.60 10.22
CA TRP G 9 24.37 -7.87 9.52
C TRP G 9 24.54 -9.02 10.51
N GLU G 10 23.73 -10.06 10.33
CA GLU G 10 23.77 -11.26 11.15
C GLU G 10 24.61 -12.32 10.44
N ARG G 11 25.67 -12.78 11.10
CA ARG G 11 26.50 -13.82 10.51
C ARG G 11 25.73 -15.15 10.50
N VAL G 12 25.51 -15.69 9.30
CA VAL G 12 24.86 -16.99 9.14
C VAL G 12 25.90 -18.08 9.28
N VAL G 13 26.76 -18.22 8.26
CA VAL G 13 27.87 -19.16 8.27
C VAL G 13 29.06 -18.47 7.61
N ASP G 14 30.20 -18.45 8.30
CA ASP G 14 31.44 -17.92 7.75
C ASP G 14 31.28 -16.48 7.27
N ASP G 15 31.41 -16.26 5.96
CA ASP G 15 31.29 -14.93 5.38
C ASP G 15 29.96 -14.72 4.67
N GLN G 16 28.91 -15.40 5.13
CA GLN G 16 27.55 -15.16 4.67
C GLN G 16 26.76 -14.49 5.80
N TYR G 17 26.09 -13.38 5.48
CA TYR G 17 25.37 -12.57 6.46
C TYR G 17 23.98 -12.26 5.95
N VAL G 18 23.08 -11.93 6.88
CA VAL G 18 21.71 -11.54 6.56
C VAL G 18 21.33 -10.29 7.34
N THR G 19 20.41 -9.51 6.77
CA THR G 19 19.80 -8.40 7.46
C THR G 19 18.40 -8.21 6.90
N ASN G 20 17.51 -7.64 7.71
CA ASN G 20 16.09 -7.54 7.37
C ASN G 20 15.56 -6.13 7.61
N PRO G 21 16.08 -5.14 6.89
CA PRO G 21 15.50 -3.80 6.97
C PRO G 21 14.19 -3.75 6.21
N THR G 22 13.51 -2.60 6.32
CA THR G 22 12.24 -2.38 5.62
C THR G 22 12.29 -0.98 5.02
N PHE G 23 12.87 -0.88 3.83
CA PHE G 23 12.93 0.38 3.10
C PHE G 23 12.61 0.12 1.64
N CYS G 24 12.21 1.18 0.94
CA CYS G 24 11.96 1.09 -0.49
C CYS G 24 13.29 1.07 -1.23
N ILE G 25 13.44 0.09 -2.14
CA ILE G 25 14.72 -0.14 -2.79
C ILE G 25 15.13 1.07 -3.62
N SER G 26 14.18 1.77 -4.24
CA SER G 26 14.52 2.87 -5.14
C SER G 26 14.89 4.15 -4.41
N ASP G 27 14.70 4.22 -3.09
CA ASP G 27 15.13 5.40 -2.35
C ASP G 27 16.63 5.44 -2.13
N TYR G 28 17.32 4.32 -2.32
CA TYR G 28 18.76 4.26 -2.09
C TYR G 28 19.53 3.61 -3.23
N PHE G 29 18.87 2.94 -4.17
CA PHE G 29 19.52 2.30 -5.30
C PHE G 29 18.86 2.77 -6.59
N GLU G 30 19.64 2.73 -7.67
CA GLU G 30 19.11 2.83 -9.02
C GLU G 30 19.05 1.42 -9.60
N ILE G 31 17.91 1.07 -10.21
CA ILE G 31 17.72 -0.26 -10.78
C ILE G 31 18.26 -0.25 -12.21
N VAL G 32 19.15 -1.19 -12.52
CA VAL G 32 19.65 -1.39 -13.87
C VAL G 32 19.05 -2.69 -14.38
N ARG G 33 18.01 -2.58 -15.20
CA ARG G 33 17.18 -3.75 -15.50
C ARG G 33 17.87 -4.68 -16.48
N GLN G 34 17.66 -5.98 -16.27
CA GLN G 34 18.31 -7.04 -17.03
C GLN G 34 17.26 -7.90 -17.73
N PRO G 35 17.63 -8.58 -18.81
CA PRO G 35 16.63 -9.35 -19.56
C PRO G 35 16.18 -10.59 -18.79
N GLY G 36 14.98 -11.05 -19.14
CA GLY G 36 14.44 -12.25 -18.53
C GLY G 36 14.67 -13.47 -19.39
N ASP G 37 15.94 -13.78 -19.66
CA ASP G 37 16.30 -14.87 -20.56
C ASP G 37 16.91 -16.07 -19.83
N GLY G 38 16.90 -16.06 -18.49
CA GLY G 38 17.51 -17.11 -17.71
C GLY G 38 18.90 -16.81 -17.22
N ASN G 39 19.54 -15.76 -17.74
CA ASN G 39 20.90 -15.38 -17.38
C ASN G 39 20.94 -14.11 -16.55
N CYS G 40 19.79 -13.65 -16.06
CA CYS G 40 19.70 -12.35 -15.38
C CYS G 40 20.67 -12.25 -14.21
N PHE G 41 20.90 -13.35 -13.48
CA PHE G 41 21.84 -13.29 -12.38
C PHE G 41 23.24 -12.94 -12.87
N TYR G 42 23.68 -13.60 -13.94
CA TYR G 42 25.00 -13.33 -14.50
C TYR G 42 25.03 -12.01 -15.26
N HIS G 43 23.92 -11.63 -15.92
CA HIS G 43 23.86 -10.30 -16.52
C HIS G 43 24.06 -9.22 -15.48
N SER G 44 23.40 -9.37 -14.32
CA SER G 44 23.50 -8.37 -13.25
C SER G 44 24.92 -8.28 -12.73
N ILE G 45 25.56 -9.42 -12.47
CA ILE G 45 26.96 -9.41 -12.03
C ILE G 45 27.85 -8.73 -13.06
N ALA G 46 27.64 -9.05 -14.34
CA ALA G 46 28.47 -8.47 -15.39
C ALA G 46 28.26 -6.97 -15.51
N GLU G 47 27.02 -6.51 -15.30
CA GLU G 47 26.74 -5.08 -15.40
C GLU G 47 27.59 -4.28 -14.42
N LEU G 48 27.79 -4.80 -13.21
CA LEU G 48 28.51 -4.09 -12.17
C LEU G 48 30.00 -4.39 -12.14
N PHE G 49 30.38 -5.62 -12.50
CA PHE G 49 31.77 -6.04 -12.39
C PHE G 49 32.59 -5.59 -13.59
N PHE G 50 31.98 -5.58 -14.77
CA PHE G 50 32.67 -5.23 -16.00
C PHE G 50 32.34 -3.81 -16.42
N ASP G 51 33.27 -3.20 -17.17
CA ASP G 51 33.07 -1.85 -17.65
C ASP G 51 32.12 -1.82 -18.84
N VAL G 52 32.42 -2.60 -19.88
CA VAL G 52 31.58 -2.68 -21.06
C VAL G 52 30.52 -3.76 -20.85
N LYS G 53 29.27 -3.41 -21.12
CA LYS G 53 28.15 -4.33 -20.97
C LYS G 53 27.63 -4.70 -22.36
N THR G 54 27.71 -5.99 -22.69
CA THR G 54 27.18 -6.52 -23.93
C THR G 54 26.22 -7.65 -23.60
N PRO G 55 25.33 -8.02 -24.53
CA PRO G 55 24.40 -9.13 -24.26
C PRO G 55 25.09 -10.47 -23.99
N PHE G 56 26.41 -10.56 -24.18
CA PHE G 56 27.13 -11.81 -23.93
C PHE G 56 28.16 -11.68 -22.82
N SER G 57 28.25 -10.51 -22.18
CA SER G 57 29.22 -10.32 -21.09
C SER G 57 28.99 -11.29 -19.94
N PHE G 58 27.78 -11.82 -19.80
CA PHE G 58 27.49 -12.74 -18.70
C PHE G 58 28.30 -14.03 -18.82
N ARG G 59 28.69 -14.42 -20.04
CA ARG G 59 29.45 -15.65 -20.22
C ARG G 59 30.82 -15.56 -19.54
N LYS G 60 31.36 -14.36 -19.43
CA LYS G 60 32.61 -14.19 -18.68
C LYS G 60 32.40 -14.38 -17.19
N VAL G 61 31.19 -14.17 -16.69
CA VAL G 61 30.89 -14.46 -15.29
C VAL G 61 30.76 -15.96 -15.08
N LYS G 62 30.07 -16.65 -15.99
CA LYS G 62 29.91 -18.10 -15.85
C LYS G 62 31.24 -18.84 -16.02
N GLU G 63 32.21 -18.25 -16.71
CA GLU G 63 33.51 -18.89 -16.80
C GLU G 63 34.23 -18.85 -15.46
N HIS G 64 34.08 -17.77 -14.69
CA HIS G 64 34.59 -17.78 -13.33
C HIS G 64 33.84 -18.77 -12.45
N LEU G 65 32.56 -19.04 -12.77
CA LEU G 65 31.76 -19.93 -11.96
C LEU G 65 32.28 -21.36 -12.01
N ARG G 66 32.70 -21.83 -13.18
CA ARG G 66 33.23 -23.19 -13.27
C ARG G 66 34.56 -23.31 -12.53
N LEU G 67 35.34 -22.24 -12.49
CA LEU G 67 36.53 -22.22 -11.64
C LEU G 67 36.17 -22.10 -10.17
N ALA G 68 35.12 -21.34 -9.85
CA ALA G 68 34.69 -21.21 -8.47
C ALA G 68 34.09 -22.52 -7.95
N ALA G 69 33.26 -23.17 -8.76
CA ALA G 69 32.63 -24.41 -8.32
C ALA G 69 33.63 -25.53 -8.12
N ASP G 70 34.67 -25.58 -8.96
CA ASP G 70 35.72 -26.57 -8.78
C ASP G 70 36.45 -26.39 -7.46
N ALA G 71 36.47 -25.17 -6.91
CA ALA G 71 37.26 -24.90 -5.73
C ALA G 71 36.44 -24.83 -4.44
N PHE G 72 35.15 -24.51 -4.50
CA PHE G 72 34.40 -24.26 -3.28
C PHE G 72 33.08 -25.01 -3.15
N TYR G 73 32.64 -25.74 -4.17
CA TYR G 73 31.30 -26.35 -4.12
C TYR G 73 31.17 -27.35 -2.98
N ASP G 74 32.19 -28.17 -2.75
CA ASP G 74 32.10 -29.24 -1.76
C ASP G 74 32.13 -28.73 -0.32
N THR G 75 32.38 -27.43 -0.11
CA THR G 75 32.28 -26.83 1.22
C THR G 75 31.21 -25.74 1.29
N GLU G 76 30.32 -25.67 0.30
CA GLU G 76 29.28 -24.65 0.29
C GLU G 76 28.15 -25.02 1.25
N PRO G 77 27.79 -24.13 2.19
CA PRO G 77 26.70 -24.47 3.13
C PRO G 77 25.39 -24.76 2.45
N GLU G 78 25.13 -24.18 1.28
CA GLU G 78 23.88 -24.42 0.57
C GLU G 78 23.86 -25.74 -0.18
N ALA G 79 24.99 -26.45 -0.26
CA ALA G 79 25.08 -27.68 -1.03
C ALA G 79 25.02 -28.93 -0.17
N ILE G 80 24.72 -28.80 1.13
CA ILE G 80 24.60 -29.96 1.99
C ILE G 80 23.19 -30.53 1.86
N GLY G 81 23.09 -31.86 1.90
CA GLY G 81 21.81 -32.53 1.74
C GLY G 81 21.20 -32.46 0.36
N THR G 82 21.84 -31.76 -0.59
CA THR G 82 21.30 -31.67 -1.93
C THR G 82 21.51 -32.94 -2.74
N GLY G 83 22.48 -33.76 -2.38
CA GLY G 83 22.68 -35.03 -3.05
C GLY G 83 23.16 -34.94 -4.49
N VAL G 84 23.70 -33.79 -4.90
CA VAL G 84 24.24 -33.61 -6.24
C VAL G 84 25.72 -33.28 -6.13
N THR G 85 26.55 -34.05 -6.83
CA THR G 85 27.99 -33.85 -6.76
C THR G 85 28.41 -32.61 -7.55
N LYS G 86 29.68 -32.27 -7.43
CA LYS G 86 30.20 -31.07 -8.10
C LYS G 86 30.12 -31.20 -9.61
N GLU G 87 30.45 -32.39 -10.14
CA GLU G 87 30.43 -32.58 -11.58
C GLU G 87 29.02 -32.46 -12.14
N GLU G 88 28.02 -32.98 -11.43
CA GLU G 88 26.65 -32.86 -11.90
C GLU G 88 26.14 -31.43 -11.78
N TYR G 89 26.67 -30.65 -10.84
CA TYR G 89 26.25 -29.27 -10.68
C TYR G 89 26.76 -28.40 -11.82
N ILE G 90 28.07 -28.46 -12.09
CA ILE G 90 28.65 -27.63 -13.15
C ILE G 90 28.07 -28.00 -14.50
N GLN G 91 27.81 -29.29 -14.73
CA GLN G 91 27.18 -29.72 -15.97
C GLN G 91 25.82 -29.05 -16.15
N ALA G 92 25.07 -28.88 -15.06
CA ALA G 92 23.77 -28.25 -15.14
C ALA G 92 23.86 -26.73 -15.08
N ALA G 93 24.81 -26.19 -14.29
CA ALA G 93 24.88 -24.74 -14.10
C ALA G 93 25.41 -24.03 -15.35
N MET G 94 26.27 -24.69 -16.13
CA MET G 94 26.84 -24.06 -17.31
C MET G 94 25.92 -24.09 -18.52
N LYS G 95 24.80 -24.81 -18.44
CA LYS G 95 23.81 -24.76 -19.51
C LYS G 95 23.33 -23.33 -19.69
N ASP G 96 23.09 -22.95 -20.94
CA ASP G 96 22.57 -21.62 -21.21
C ASP G 96 21.15 -21.48 -20.64
N ASN G 97 20.82 -20.25 -20.24
CA ASN G 97 19.52 -19.92 -19.64
C ASN G 97 19.29 -20.62 -18.31
N GLU G 98 20.37 -21.10 -17.68
CA GLU G 98 20.26 -21.75 -16.38
C GLU G 98 20.31 -20.71 -15.28
N TRP G 99 19.31 -20.73 -14.41
CA TRP G 99 19.22 -19.74 -13.34
C TRP G 99 20.38 -19.88 -12.36
N GLY G 100 20.87 -18.74 -11.88
CA GLY G 100 21.80 -18.70 -10.77
C GLY G 100 21.17 -17.97 -9.59
N GLY G 101 21.95 -17.85 -8.53
CA GLY G 101 21.47 -17.19 -7.34
C GLY G 101 22.44 -17.21 -6.17
N SER G 102 21.93 -17.54 -4.98
CA SER G 102 22.72 -17.40 -3.76
C SER G 102 23.91 -18.36 -3.73
N LEU G 103 23.69 -19.62 -4.13
CA LEU G 103 24.81 -20.56 -4.15
C LEU G 103 25.91 -20.10 -5.09
N GLU G 104 25.54 -19.53 -6.23
CA GLU G 104 26.52 -19.03 -7.17
C GLU G 104 27.20 -17.76 -6.65
N ALA G 105 26.44 -16.92 -5.96
CA ALA G 105 27.02 -15.70 -5.40
C ALA G 105 28.02 -16.01 -4.29
N SER G 106 27.77 -17.07 -3.50
CA SER G 106 28.72 -17.45 -2.47
C SER G 106 30.06 -17.82 -3.07
N MET G 107 30.05 -18.70 -4.07
CA MET G 107 31.29 -19.18 -4.67
C MET G 107 31.98 -18.08 -5.47
N LEU G 108 31.22 -17.29 -6.22
CA LEU G 108 31.81 -16.20 -6.99
C LEU G 108 32.41 -15.13 -6.09
N SER G 109 31.81 -14.90 -4.92
CA SER G 109 32.38 -14.00 -3.94
C SER G 109 33.79 -14.42 -3.55
N LYS G 110 33.98 -15.72 -3.28
CA LYS G 110 35.28 -16.21 -2.85
C LYS G 110 36.28 -16.24 -4.00
N GLN G 111 35.81 -16.61 -5.20
CA GLN G 111 36.70 -16.71 -6.34
C GLN G 111 37.19 -15.34 -6.79
N LEU G 112 36.29 -14.38 -6.90
CA LEU G 112 36.62 -13.04 -7.36
C LEU G 112 37.12 -12.13 -6.24
N GLN G 113 36.98 -12.55 -4.98
CA GLN G 113 37.35 -11.75 -3.82
C GLN G 113 36.60 -10.42 -3.81
N ILE G 114 35.29 -10.51 -3.97
CA ILE G 114 34.39 -9.36 -3.94
C ILE G 114 33.21 -9.71 -3.05
N THR G 115 32.47 -8.68 -2.66
CA THR G 115 31.27 -8.85 -1.84
C THR G 115 30.04 -8.69 -2.73
N ILE G 116 29.12 -9.65 -2.61
CA ILE G 116 27.89 -9.66 -3.39
C ILE G 116 26.72 -9.66 -2.42
N ILE G 117 25.76 -8.77 -2.66
CA ILE G 117 24.57 -8.65 -1.82
C ILE G 117 23.34 -8.88 -2.68
N LEU G 118 22.49 -9.81 -2.27
CA LEU G 118 21.24 -10.10 -2.96
C LEU G 118 20.10 -9.50 -2.13
N TRP G 119 19.47 -8.45 -2.66
CA TRP G 119 18.38 -7.77 -1.98
C TRP G 119 17.05 -8.37 -2.41
N VAL G 120 16.31 -8.94 -1.46
CA VAL G 120 15.03 -9.57 -1.75
C VAL G 120 13.92 -8.53 -1.57
N VAL G 121 13.12 -8.33 -2.61
CA VAL G 121 12.07 -7.31 -2.58
C VAL G 121 10.73 -7.95 -2.92
N ASN G 122 9.67 -7.37 -2.38
CA ASN G 122 8.32 -7.89 -2.56
C ASN G 122 7.72 -7.32 -3.86
N GLN G 123 6.41 -7.50 -4.05
CA GLN G 123 5.76 -7.01 -5.28
C GLN G 123 5.88 -5.50 -5.39
N THR G 124 5.83 -4.79 -4.28
CA THR G 124 6.11 -3.36 -4.29
C THR G 124 7.63 -3.17 -4.35
N GLU G 125 8.13 -2.07 -3.81
CA GLU G 125 9.56 -1.80 -3.82
C GLU G 125 10.23 -2.10 -2.47
N GLN G 126 9.55 -2.82 -1.58
CA GLN G 126 10.01 -2.92 -0.20
C GLN G 126 10.97 -4.09 -0.03
N VAL G 127 12.11 -3.83 0.60
CA VAL G 127 13.06 -4.87 0.93
C VAL G 127 12.53 -5.67 2.10
N THR G 128 12.54 -7.00 1.98
CA THR G 128 12.19 -7.87 3.10
C THR G 128 13.38 -8.60 3.70
N ALA G 129 14.47 -8.74 2.92
CA ALA G 129 15.67 -9.40 3.41
C ALA G 129 16.80 -9.08 2.43
N ALA G 130 18.03 -9.25 2.91
CA ALA G 130 19.22 -9.09 2.09
C ALA G 130 20.24 -10.11 2.56
N ILE G 131 20.88 -10.80 1.62
CA ILE G 131 21.90 -11.80 1.91
C ILE G 131 23.22 -11.30 1.34
N LYS G 132 24.22 -11.15 2.20
CA LYS G 132 25.52 -10.63 1.82
C LYS G 132 26.54 -11.78 1.81
N PHE G 133 27.27 -11.91 0.71
CA PHE G 133 28.32 -12.91 0.57
C PHE G 133 29.65 -12.15 0.51
N GLY G 134 30.43 -12.23 1.58
CA GLY G 134 31.70 -11.53 1.66
C GLY G 134 31.71 -10.49 2.75
N PRO G 135 32.90 -10.00 3.10
CA PRO G 135 33.04 -9.12 4.26
C PRO G 135 32.87 -7.64 4.01
N GLY G 136 32.75 -7.21 2.75
CA GLY G 136 32.72 -5.80 2.44
C GLY G 136 31.41 -5.14 2.86
N ARG G 137 31.38 -3.82 2.68
CA ARG G 137 30.21 -3.01 2.98
C ARG G 137 29.31 -2.89 1.75
N VAL G 138 28.11 -2.37 1.97
CA VAL G 138 27.12 -2.27 0.90
C VAL G 138 27.62 -1.35 -0.21
N SER G 139 28.20 -0.21 0.17
CA SER G 139 28.64 0.79 -0.81
C SER G 139 29.74 0.26 -1.72
N THR G 140 30.52 -0.72 -1.27
CA THR G 140 31.60 -1.27 -2.08
C THR G 140 31.26 -2.61 -2.71
N ALA G 141 30.07 -3.14 -2.47
CA ALA G 141 29.69 -4.45 -2.96
C ALA G 141 28.97 -4.36 -4.29
N LEU G 142 28.82 -5.52 -4.94
CA LEU G 142 27.94 -5.67 -6.08
C LEU G 142 26.54 -5.98 -5.56
N ASN G 143 25.61 -5.06 -5.76
CA ASN G 143 24.27 -5.16 -5.21
C ASN G 143 23.28 -5.59 -6.28
N LEU G 144 22.56 -6.67 -6.02
CA LEU G 144 21.57 -7.23 -6.93
C LEU G 144 20.20 -7.23 -6.27
N MET G 145 19.17 -7.08 -7.08
CA MET G 145 17.79 -7.09 -6.61
C MET G 145 17.10 -8.35 -7.10
N HIS G 146 16.57 -9.12 -6.16
CA HIS G 146 15.82 -10.34 -6.46
C HIS G 146 14.34 -10.01 -6.33
N VAL G 147 13.61 -10.09 -7.45
CA VAL G 147 12.22 -9.68 -7.50
C VAL G 147 11.39 -10.85 -8.01
N GLY G 148 10.17 -10.99 -7.48
CA GLY G 148 9.26 -12.07 -7.83
C GLY G 148 9.76 -13.46 -7.54
N ARG G 149 10.87 -13.58 -6.80
CA ARG G 149 11.54 -14.85 -6.56
C ARG G 149 11.97 -15.53 -7.86
N THR G 150 12.00 -14.80 -8.98
CA THR G 150 12.35 -15.40 -10.27
C THR G 150 13.32 -14.57 -11.10
N HIS G 151 13.69 -13.36 -10.69
CA HIS G 151 14.43 -12.46 -11.55
C HIS G 151 15.48 -11.71 -10.75
N PHE G 152 16.54 -11.30 -11.44
CA PHE G 152 17.62 -10.51 -10.86
C PHE G 152 17.85 -9.28 -11.73
N ASP G 153 17.91 -8.11 -11.10
CA ASP G 153 18.37 -6.88 -11.74
C ASP G 153 19.59 -6.36 -10.98
N ALA G 154 20.37 -5.52 -11.66
CA ALA G 154 21.52 -4.91 -11.02
C ALA G 154 21.11 -3.64 -10.28
N LEU G 155 21.85 -3.33 -9.22
CA LEU G 155 21.59 -2.15 -8.41
C LEU G 155 22.86 -1.31 -8.30
N ARG G 156 22.70 0.00 -8.32
CA ARG G 156 23.79 0.94 -8.10
C ARG G 156 23.41 1.90 -6.99
N VAL G 157 24.35 2.15 -6.07
CA VAL G 157 24.09 3.01 -4.94
C VAL G 157 24.04 4.46 -5.39
N ILE G 158 23.07 5.21 -4.89
CA ILE G 158 22.91 6.63 -5.22
C ILE G 158 23.83 7.46 -4.33
N ASN G 159 24.04 8.72 -4.70
CA ASN G 159 24.94 9.65 -4.00
C ASN G 159 24.75 9.66 -2.48
N ALA H 2 11.73 -35.69 26.41
CA ALA H 2 10.73 -34.63 26.38
C ALA H 2 10.96 -33.70 25.18
N THR H 3 10.08 -32.73 25.03
CA THR H 3 10.18 -31.78 23.93
C THR H 3 10.91 -30.52 24.37
N LEU H 4 11.37 -29.77 23.37
CA LEU H 4 12.14 -28.55 23.55
C LEU H 4 11.49 -27.44 22.74
N ASN H 5 11.45 -26.24 23.31
CA ASN H 5 10.93 -25.07 22.61
C ASN H 5 12.10 -24.21 22.14
N ILE H 6 12.24 -24.06 20.83
CA ILE H 6 13.27 -23.23 20.23
C ILE H 6 12.60 -22.13 19.42
N LEU H 7 13.40 -21.15 19.02
CA LEU H 7 12.96 -20.10 18.12
C LEU H 7 13.57 -20.35 16.74
N VAL H 8 12.80 -20.06 15.70
CA VAL H 8 13.29 -20.06 14.32
C VAL H 8 13.11 -18.65 13.78
N ARG H 9 14.19 -18.07 13.27
CA ARG H 9 14.15 -16.75 12.65
C ARG H 9 13.87 -16.95 11.16
N ASN H 10 12.74 -16.43 10.69
CA ASN H 10 12.30 -16.75 9.34
C ASN H 10 12.98 -15.82 8.33
N ASP H 11 12.54 -15.89 7.07
CA ASP H 11 13.17 -15.13 6.00
C ASP H 11 12.90 -13.63 6.08
N LYS H 12 11.93 -13.21 6.89
CA LYS H 12 11.73 -11.80 7.15
C LYS H 12 12.37 -11.35 8.45
N GLY H 13 13.10 -12.23 9.12
CA GLY H 13 13.76 -11.89 10.36
C GLY H 13 12.91 -12.05 11.61
N ARG H 14 11.68 -12.56 11.49
CA ARG H 14 10.81 -12.73 12.65
C ARG H 14 11.09 -14.06 13.35
N SER H 15 11.18 -14.00 14.68
CA SER H 15 11.41 -15.17 15.52
C SER H 15 10.09 -15.65 16.11
N SER H 16 9.81 -16.95 15.99
CA SER H 16 8.65 -17.57 16.63
C SER H 16 9.05 -18.94 17.14
N SER H 17 8.30 -19.42 18.14
CA SER H 17 8.65 -20.66 18.83
C SER H 17 8.20 -21.88 18.04
N TYR H 18 9.04 -22.92 18.09
CA TYR H 18 8.76 -24.24 17.54
C TYR H 18 9.01 -25.26 18.63
N GLU H 19 8.10 -26.21 18.78
CA GLU H 19 8.29 -27.32 19.72
C GLU H 19 8.91 -28.49 18.96
N VAL H 20 10.10 -28.93 19.41
CA VAL H 20 10.88 -29.93 18.71
C VAL H 20 11.34 -31.00 19.69
N GLN H 21 11.81 -32.11 19.14
CA GLN H 21 12.47 -33.17 19.88
C GLN H 21 13.88 -33.35 19.34
N LEU H 22 14.85 -33.47 20.24
CA LEU H 22 16.25 -33.54 19.81
C LEU H 22 16.54 -34.76 18.94
N THR H 23 15.67 -35.77 18.97
CA THR H 23 15.87 -36.95 18.14
C THR H 23 15.34 -36.78 16.72
N GLN H 24 14.51 -35.77 16.47
CA GLN H 24 13.96 -35.60 15.14
C GLN H 24 15.02 -35.05 14.18
N THR H 25 14.88 -35.40 12.92
CA THR H 25 15.85 -34.96 11.93
C THR H 25 15.65 -33.47 11.64
N VAL H 26 16.71 -32.85 11.12
CA VAL H 26 16.61 -31.47 10.65
C VAL H 26 15.53 -31.34 9.59
N ALA H 27 15.39 -32.36 8.73
CA ALA H 27 14.38 -32.33 7.68
C ALA H 27 12.98 -32.23 8.25
N VAL H 28 12.73 -32.85 9.42
CA VAL H 28 11.42 -32.77 10.05
C VAL H 28 11.15 -31.36 10.54
N LEU H 29 12.17 -30.72 11.14
CA LEU H 29 12.02 -29.31 11.53
C LEU H 29 11.74 -28.44 10.31
N LYS H 30 12.35 -28.77 9.16
CA LYS H 30 12.06 -28.03 7.95
C LYS H 30 10.61 -28.19 7.52
N GLN H 31 10.03 -29.38 7.72
CA GLN H 31 8.61 -29.57 7.42
C GLN H 31 7.74 -28.70 8.31
N GLN H 32 8.04 -28.66 9.62
CA GLN H 32 7.29 -27.78 10.51
C GLN H 32 7.39 -26.34 10.07
N VAL H 33 8.57 -25.93 9.60
CA VAL H 33 8.75 -24.58 9.08
C VAL H 33 7.92 -24.39 7.82
N CYS H 34 7.92 -25.39 6.94
CA CYS H 34 7.10 -25.33 5.72
C CYS H 34 5.62 -25.15 6.05
N GLN H 35 5.15 -25.88 7.08
CA GLN H 35 3.76 -25.73 7.50
C GLN H 35 3.49 -24.33 8.02
N ARG H 36 4.42 -23.77 8.80
CA ARG H 36 4.22 -22.46 9.39
C ARG H 36 4.40 -21.35 8.38
N GLU H 37 5.49 -21.39 7.60
CA GLU H 37 5.82 -20.33 6.67
C GLU H 37 5.19 -20.52 5.29
N ARG H 38 4.48 -21.62 5.06
CA ARG H 38 3.81 -21.90 3.80
C ARG H 38 4.79 -21.87 2.63
N VAL H 39 5.91 -22.58 2.81
CA VAL H 39 6.93 -22.74 1.78
C VAL H 39 7.21 -24.23 1.59
N GLN H 40 8.18 -24.55 0.74
CA GLN H 40 8.63 -25.93 0.57
C GLN H 40 10.12 -26.04 0.88
N ALA H 41 10.50 -27.24 1.33
CA ALA H 41 11.80 -27.44 1.98
C ALA H 41 12.97 -27.07 1.07
N ASP H 42 12.86 -27.33 -0.22
CA ASP H 42 13.95 -27.04 -1.15
C ASP H 42 14.23 -25.55 -1.30
N GLN H 43 13.42 -24.68 -0.71
CA GLN H 43 13.59 -23.24 -0.86
C GLN H 43 14.51 -22.63 0.20
N PHE H 44 14.96 -23.39 1.18
CA PHE H 44 15.75 -22.83 2.27
C PHE H 44 16.59 -23.92 2.93
N TRP H 45 17.52 -23.48 3.76
CA TRP H 45 18.31 -24.37 4.60
C TRP H 45 18.42 -23.73 5.98
N LEU H 46 18.79 -24.54 6.97
CA LEU H 46 18.83 -24.10 8.36
C LEU H 46 20.26 -24.06 8.88
N SER H 47 20.54 -23.07 9.72
CA SER H 47 21.86 -22.96 10.34
C SER H 47 21.69 -22.68 11.83
N PHE H 48 22.69 -23.06 12.61
CA PHE H 48 22.67 -22.82 14.04
C PHE H 48 24.08 -22.49 14.52
N GLU H 49 24.23 -21.32 15.14
CA GLU H 49 25.50 -20.89 15.74
C GLU H 49 26.64 -20.97 14.74
N GLY H 50 26.37 -20.58 13.50
CA GLY H 50 27.39 -20.53 12.47
C GLY H 50 27.62 -21.81 11.72
N LYS H 51 26.84 -22.86 11.95
CA LYS H 51 27.03 -24.09 11.20
C LYS H 51 25.75 -24.49 10.48
N PRO H 52 25.83 -24.97 9.25
CA PRO H 52 24.64 -25.45 8.57
C PRO H 52 24.17 -26.78 9.16
N MET H 53 22.86 -26.98 9.14
CA MET H 53 22.24 -28.18 9.70
C MET H 53 21.91 -29.14 8.57
N ASP H 54 22.38 -30.39 8.70
CA ASP H 54 22.19 -31.38 7.64
C ASP H 54 20.83 -32.05 7.80
N ASP H 55 20.09 -32.14 6.68
CA ASP H 55 18.71 -32.63 6.71
C ASP H 55 18.59 -33.96 7.44
N GLU H 56 19.50 -34.90 7.14
CA GLU H 56 19.39 -36.24 7.69
C GLU H 56 19.95 -36.37 9.10
N HIS H 57 20.42 -35.27 9.71
CA HIS H 57 20.96 -35.46 11.04
C HIS H 57 19.96 -35.01 12.10
N PRO H 58 19.98 -35.67 13.26
CA PRO H 58 19.08 -35.26 14.35
C PRO H 58 19.49 -33.92 14.95
N LEU H 59 18.49 -33.21 15.48
CA LEU H 59 18.72 -31.89 16.05
C LEU H 59 19.71 -31.93 17.20
N GLY H 60 19.77 -33.05 17.92
CA GLY H 60 20.64 -33.15 19.09
C GLY H 60 22.12 -33.08 18.78
N GLU H 61 22.51 -33.30 17.53
CA GLU H 61 23.92 -33.18 17.16
C GLU H 61 24.44 -31.76 17.34
N TYR H 62 23.55 -30.76 17.24
CA TYR H 62 23.97 -29.37 17.09
C TYR H 62 23.89 -28.56 18.37
N GLY H 63 23.36 -29.12 19.45
CA GLY H 63 23.35 -28.41 20.72
C GLY H 63 22.24 -27.40 20.88
N LEU H 64 21.06 -27.68 20.32
CA LEU H 64 19.91 -26.82 20.54
C LEU H 64 19.49 -26.88 22.01
N THR H 65 19.22 -25.70 22.58
CA THR H 65 18.72 -25.58 23.94
C THR H 65 17.43 -24.76 23.92
N THR H 66 16.78 -24.67 25.07
CA THR H 66 15.57 -23.87 25.17
C THR H 66 15.88 -22.42 24.88
N GLY H 67 15.09 -21.82 23.97
CA GLY H 67 15.22 -20.41 23.67
C GLY H 67 16.29 -20.06 22.66
N CYS H 68 17.07 -21.03 22.20
CA CYS H 68 18.05 -20.75 21.15
C CYS H 68 17.34 -20.48 19.83
N THR H 69 18.06 -19.86 18.90
CA THR H 69 17.49 -19.46 17.62
C THR H 69 18.21 -20.19 16.48
N VAL H 70 17.42 -20.82 15.62
CA VAL H 70 17.88 -21.40 14.36
C VAL H 70 17.50 -20.43 13.25
N PHE H 71 18.41 -20.24 12.29
CA PHE H 71 18.20 -19.29 11.21
C PHE H 71 17.68 -19.99 9.97
N MET H 72 16.64 -19.42 9.36
CA MET H 72 16.14 -19.87 8.07
C MET H 72 16.83 -19.06 6.97
N ASN H 73 17.54 -19.75 6.08
CA ASN H 73 18.33 -19.12 5.03
C ASN H 73 17.74 -19.48 3.68
N LEU H 74 17.33 -18.47 2.92
CA LEU H 74 16.70 -18.73 1.63
C LEU H 74 17.71 -19.23 0.61
N ARG H 75 17.27 -20.16 -0.24
CA ARG H 75 17.99 -20.55 -1.44
C ARG H 75 17.40 -19.72 -2.59
N LEU H 76 18.10 -18.68 -3.01
CA LEU H 76 17.63 -17.80 -4.07
C LEU H 76 18.08 -18.32 -5.43
N ARG H 77 17.14 -18.37 -6.37
CA ARG H 77 17.43 -18.67 -7.76
C ARG H 77 16.54 -17.81 -8.64
N GLY H 78 17.12 -17.22 -9.68
CA GLY H 78 16.38 -16.39 -10.61
C GLY H 78 16.95 -16.42 -12.01
#